data_9DVC
#
_entry.id   9DVC
#
_cell.length_a   1.00
_cell.length_b   1.00
_cell.length_c   1.00
_cell.angle_alpha   90.00
_cell.angle_beta   90.00
_cell.angle_gamma   90.00
#
_symmetry.space_group_name_H-M   'P 1'
#
loop_
_entity.id
_entity.type
_entity.pdbx_description
1 polymer 'Soluble cytochrome b562'
2 polymer 'Cell shape-determining protein MreC'
3 polymer 'Rod shape-determining protein MreD'
4 polymer 'BAG2 anti-BRIL Fab heavy chain'
5 polymer 'BAG2 anti-BRIL Fab light chain'
#
loop_
_entity_poly.entity_id
_entity_poly.type
_entity_poly.pdbx_seq_one_letter_code
_entity_poly.pdbx_strand_id
1 'polypeptide(L)'
;HAAVAAAEATIKPAFETLNDNLKVIEKADNAAQVKDALTKMRAAALDAQKATPPKLEDKSPDSPEMKDFRHGFDILVGQI
DDALKLANEGKVKEAQAAAEQLKTTLAELQKRYWART
;
B
2 'polypeptide(L)'
;MREHLLPRFLLALLLALGLALAALTRPLAPGFALSFSPLTAFPLHLGHRLGQNLRAAWSALSARQDLLAENQRLKEEVAR
LTTENARLRLEVARLARALEVKAGQAPGVVAVAPVVAEDASGLYRRLVLGLGSQDGLRPGMPVTAPQGLVGLVVEVEAHR
ALVRTLLDPESRVGVRVGEKPGRGVARGAPPGLLVAEFPPTVAVAPGDLLLTGATLGLFPDGIPVGRVERVERAQGGLKV
RAWARPLVDLSLLEEVVVLRPL
;
C,O
3 'polypeptide(L)'
;MALVYLVLLLFLSGLLQALLPEGWPAPDLFLVYALWLAASRPPLLGLALAFLVGLLQDLLGFGLLGLHAVGLLLAAYAYY
GAARYLDLRSPAGALAAFALAFLGKWFGYFLVAYWLRLDLPALFPWLPLGEGLLSLAFFWPLRPKAREEPKA
;
D,P
4 'polypeptide(L)'
;EVQLVESGGGLVQPGGSLRLSCAASGFNVVDFSLHWVRQAPGKGLEWVAYISSSSGSTSYADSVKGRFTISADTSKNTAY
LQMNSLRAEDTAVYYCARWGYWPGEPWWKAFDYWGQGTLVTVFNQIKGPSVFPLAPSSKSTSGGTAALGCLVKDYFPEPV
TVSWNSGALTSGVHTFPAVLQSSGLYSLSSVVTVPSSSLGTQTYICNVNHKPSNTKVDKKVEPKSCD
;
H
5 'polypeptide(L)'
;DIQMTQSPSSLSASVGDRVTITCRASQSVSSAVAWYQQKPGKAPKLLIYSASSLYSGVPSRFSGSRSGTDFTLTISSLQP
EDFATYYCQQYLYYSLVTFGQGTKVEIKRTVAAPSVFIFPPSDEQLKSGTASVVCLLNNFYPREAKVQWKVDNALQSGNS
QESVTEQDSKDSTYSLSSTLTLSKADYEKHKVYACEVTHQGLSSPVTKSFNRGEC
;
L
#
# COMPACT_ATOMS: atom_id res chain seq x y z
N ALA A 14 -16.64 -9.01 -9.11
CA ALA A 14 -15.82 -10.15 -9.50
C ALA A 14 -15.67 -10.25 -11.01
N PHE A 15 -16.76 -10.05 -11.75
CA PHE A 15 -16.66 -10.08 -13.21
C PHE A 15 -15.93 -8.85 -13.74
N GLU A 16 -16.01 -7.73 -13.03
CA GLU A 16 -15.29 -6.54 -13.46
C GLU A 16 -13.78 -6.70 -13.28
N THR A 17 -13.36 -7.44 -12.25
CA THR A 17 -11.95 -7.72 -12.07
C THR A 17 -11.41 -8.61 -13.18
N LEU A 18 -12.17 -9.65 -13.56
CA LEU A 18 -11.70 -10.56 -14.60
C LEU A 18 -11.57 -9.85 -15.94
N ASN A 19 -12.55 -9.02 -16.30
CA ASN A 19 -12.52 -8.36 -17.60
C ASN A 19 -11.44 -7.29 -17.65
N ASP A 20 -11.28 -6.51 -16.58
CA ASP A 20 -10.28 -5.45 -16.58
C ASP A 20 -8.87 -6.02 -16.68
N ASN A 21 -8.58 -7.08 -15.91
CA ASN A 21 -7.26 -7.68 -15.94
C ASN A 21 -7.02 -8.52 -17.19
N LEU A 22 -8.07 -8.87 -17.92
CA LEU A 22 -7.88 -9.60 -19.17
C LEU A 22 -7.34 -8.71 -20.28
N LYS A 23 -7.51 -7.38 -20.14
CA LYS A 23 -6.86 -6.46 -21.08
C LYS A 23 -5.39 -6.29 -20.76
N VAL A 24 -5.00 -6.42 -19.50
CA VAL A 24 -3.60 -6.30 -19.12
C VAL A 24 -2.77 -7.42 -19.72
N ILE A 25 -3.32 -8.65 -19.72
CA ILE A 25 -2.60 -9.78 -20.29
C ILE A 25 -2.36 -9.56 -21.78
N GLU A 26 -3.37 -9.07 -22.49
CA GLU A 26 -3.24 -8.79 -23.92
C GLU A 26 -2.35 -7.58 -24.20
N LYS A 27 -1.97 -6.83 -23.17
CA LYS A 27 -1.13 -5.65 -23.32
C LYS A 27 0.27 -5.81 -22.73
N ALA A 28 0.41 -6.57 -21.65
CA ALA A 28 1.71 -6.76 -21.02
C ALA A 28 2.66 -7.52 -21.95
N ASP A 29 3.95 -7.26 -21.80
CA ASP A 29 4.98 -7.83 -22.67
C ASP A 29 6.11 -8.42 -21.86
N ASN A 30 5.80 -8.99 -20.70
CA ASN A 30 6.82 -9.67 -19.89
C ASN A 30 6.12 -10.63 -18.95
N ALA A 31 6.88 -11.62 -18.48
CA ALA A 31 6.32 -12.63 -17.59
C ALA A 31 6.03 -12.09 -16.20
N ALA A 32 6.54 -10.90 -15.87
CA ALA A 32 6.30 -10.33 -14.55
C ALA A 32 4.90 -9.77 -14.44
N GLN A 33 4.37 -9.21 -15.53
CA GLN A 33 3.05 -8.59 -15.49
C GLN A 33 1.95 -9.57 -15.88
N VAL A 34 2.27 -10.59 -16.68
CA VAL A 34 1.27 -11.61 -17.00
C VAL A 34 0.97 -12.48 -15.79
N LYS A 35 2.02 -12.87 -15.04
CA LYS A 35 1.80 -13.66 -13.84
C LYS A 35 1.06 -12.86 -12.78
N ASP A 36 1.37 -11.57 -12.65
CA ASP A 36 0.70 -10.74 -11.66
C ASP A 36 -0.77 -10.54 -12.01
N ALA A 37 -1.08 -10.32 -13.28
CA ALA A 37 -2.47 -10.14 -13.68
C ALA A 37 -3.29 -11.40 -13.45
N LEU A 38 -2.72 -12.57 -13.77
CA LEU A 38 -3.44 -13.82 -13.57
C LEU A 38 -3.67 -14.12 -12.10
N THR A 39 -2.81 -13.61 -11.22
CA THR A 39 -3.02 -13.82 -9.78
C THR A 39 -4.29 -13.11 -9.31
N LYS A 40 -4.47 -11.86 -9.74
CA LYS A 40 -5.71 -11.16 -9.40
C LYS A 40 -6.91 -11.81 -10.09
N MET A 41 -6.72 -12.28 -11.32
CA MET A 41 -7.81 -12.93 -12.05
C MET A 41 -8.21 -14.23 -11.37
N ARG A 42 -7.25 -14.97 -10.82
CA ARG A 42 -7.59 -16.19 -10.09
C ARG A 42 -8.24 -15.88 -8.75
N ALA A 43 -7.75 -14.86 -8.05
CA ALA A 43 -8.31 -14.54 -6.74
C ALA A 43 -9.78 -14.17 -6.83
N ALA A 44 -10.18 -13.53 -7.94
CA ALA A 44 -11.58 -13.22 -8.15
C ALA A 44 -12.38 -14.43 -8.62
N ALA A 45 -11.76 -15.33 -9.39
CA ALA A 45 -12.47 -16.50 -9.87
C ALA A 45 -12.91 -17.40 -8.72
N LEU A 46 -12.04 -17.61 -7.73
CA LEU A 46 -12.45 -18.33 -6.53
C LEU A 46 -13.51 -17.57 -5.77
N ASP A 47 -13.37 -16.24 -5.70
CA ASP A 47 -14.31 -15.43 -4.95
C ASP A 47 -15.69 -15.43 -5.60
N ALA A 48 -15.74 -15.39 -6.93
CA ALA A 48 -17.03 -15.42 -7.62
C ALA A 48 -17.71 -16.77 -7.50
N GLN A 49 -16.93 -17.85 -7.40
CA GLN A 49 -17.51 -19.19 -7.32
C GLN A 49 -18.33 -19.37 -6.06
N LYS A 50 -17.88 -18.79 -4.94
CA LYS A 50 -18.57 -18.97 -3.68
C LYS A 50 -19.99 -18.42 -3.74
N ALA A 51 -20.18 -17.28 -4.40
CA ALA A 51 -21.49 -16.68 -4.55
C ALA A 51 -22.29 -17.36 -5.64
N ASP A 68 -24.28 -26.46 -11.68
CA ASP A 68 -23.75 -26.28 -13.02
C ASP A 68 -22.97 -24.98 -13.13
N PHE A 69 -23.50 -23.91 -12.51
CA PHE A 69 -22.79 -22.64 -12.52
C PHE A 69 -21.47 -22.73 -11.76
N ARG A 70 -21.47 -23.40 -10.61
CA ARG A 70 -20.23 -23.62 -9.89
C ARG A 70 -19.29 -24.52 -10.69
N HIS A 71 -19.82 -25.57 -11.31
CA HIS A 71 -19.00 -26.41 -12.18
C HIS A 71 -18.54 -25.67 -13.43
N GLY A 72 -19.15 -24.53 -13.74
CA GLY A 72 -18.66 -23.71 -14.83
C GLY A 72 -17.40 -22.95 -14.49
N PHE A 73 -17.09 -22.80 -13.21
CA PHE A 73 -15.87 -22.11 -12.80
C PHE A 73 -14.69 -23.03 -12.60
N ASP A 74 -14.92 -24.31 -12.30
CA ASP A 74 -13.81 -25.26 -12.22
C ASP A 74 -13.09 -25.36 -13.56
N ILE A 75 -13.82 -25.18 -14.66
CA ILE A 75 -13.17 -25.12 -15.96
C ILE A 75 -12.40 -23.81 -16.11
N LEU A 76 -12.96 -22.70 -15.63
CA LEU A 76 -12.30 -21.42 -15.79
C LEU A 76 -11.03 -21.34 -14.95
N VAL A 77 -11.12 -21.71 -13.68
CA VAL A 77 -9.93 -21.66 -12.82
C VAL A 77 -8.88 -22.63 -13.34
N GLY A 78 -9.30 -23.78 -13.85
CA GLY A 78 -8.35 -24.70 -14.46
C GLY A 78 -7.63 -24.09 -15.64
N GLN A 79 -8.32 -23.24 -16.40
CA GLN A 79 -7.67 -22.56 -17.52
C GLN A 79 -6.77 -21.43 -17.05
N ILE A 80 -7.05 -20.83 -15.89
CA ILE A 80 -6.13 -19.85 -15.33
C ILE A 80 -4.86 -20.53 -14.85
N ASP A 81 -4.99 -21.70 -14.22
CA ASP A 81 -3.80 -22.46 -13.84
C ASP A 81 -2.97 -22.83 -15.06
N ASP A 82 -3.62 -23.22 -16.15
CA ASP A 82 -2.89 -23.57 -17.36
C ASP A 82 -2.15 -22.36 -17.93
N ALA A 83 -2.77 -21.19 -17.89
CA ALA A 83 -2.11 -20.00 -18.38
C ALA A 83 -1.07 -19.49 -17.41
N LEU A 84 -1.31 -19.64 -16.11
CA LEU A 84 -0.36 -19.17 -15.11
C LEU A 84 0.88 -20.05 -15.09
N LYS A 85 0.70 -21.35 -15.32
CA LYS A 85 1.84 -22.26 -15.37
C LYS A 85 2.75 -21.94 -16.55
N LEU A 86 2.17 -21.62 -17.71
CA LEU A 86 2.98 -21.22 -18.85
C LEU A 86 3.70 -19.90 -18.58
N ALA A 87 3.01 -18.92 -18.00
CA ALA A 87 3.63 -17.64 -17.70
C ALA A 87 4.66 -17.75 -16.59
N ASN A 88 4.58 -18.79 -15.76
CA ASN A 88 5.57 -18.98 -14.71
C ASN A 88 6.88 -19.52 -15.25
N GLU A 89 6.83 -20.35 -16.30
CA GLU A 89 8.04 -20.90 -16.90
C GLU A 89 8.85 -19.86 -17.64
N GLY A 90 8.33 -18.66 -17.82
CA GLY A 90 9.01 -17.62 -18.55
C GLY A 90 8.56 -17.42 -19.98
N LYS A 91 7.51 -18.11 -20.42
CA LYS A 91 7.01 -18.01 -21.79
C LYS A 91 5.84 -17.03 -21.77
N VAL A 92 6.14 -15.74 -21.88
CA VAL A 92 5.09 -14.72 -21.89
C VAL A 92 4.26 -14.83 -23.16
N LYS A 93 4.88 -15.19 -24.29
CA LYS A 93 4.15 -15.25 -25.55
C LYS A 93 3.08 -16.34 -25.52
N GLU A 94 3.40 -17.50 -24.94
CA GLU A 94 2.41 -18.57 -24.85
C GLU A 94 1.28 -18.20 -23.91
N ALA A 95 1.57 -17.49 -22.82
CA ALA A 95 0.54 -17.15 -21.86
C ALA A 95 -0.53 -16.27 -22.48
N GLN A 96 -0.12 -15.26 -23.27
CA GLN A 96 -1.10 -14.40 -23.93
C GLN A 96 -1.88 -15.17 -24.97
N ALA A 97 -1.26 -16.17 -25.62
CA ALA A 97 -2.00 -17.02 -26.53
C ALA A 97 -2.92 -17.97 -25.78
N ALA A 98 -2.50 -18.42 -24.59
CA ALA A 98 -3.33 -19.34 -23.81
C ALA A 98 -4.39 -18.61 -22.99
N ALA A 99 -4.27 -17.29 -22.82
CA ALA A 99 -5.31 -16.53 -22.16
C ALA A 99 -6.43 -16.13 -23.10
N GLU A 100 -6.23 -16.26 -24.41
CA GLU A 100 -7.31 -15.99 -25.36
C GLU A 100 -8.44 -17.00 -25.20
N GLN A 101 -8.11 -18.28 -24.98
CA GLN A 101 -9.13 -19.29 -24.78
C GLN A 101 -9.94 -19.01 -23.51
N LEU A 102 -9.34 -18.30 -22.55
CA LEU A 102 -10.07 -17.91 -21.35
C LEU A 102 -11.14 -16.87 -21.65
N LYS A 103 -10.91 -16.05 -22.67
CA LYS A 103 -11.86 -14.97 -22.99
C LYS A 103 -13.20 -15.55 -23.43
N THR A 104 -13.19 -16.62 -24.23
CA THR A 104 -14.45 -17.22 -24.68
C THR A 104 -15.18 -17.89 -23.53
N THR A 105 -14.46 -18.60 -22.66
CA THR A 105 -15.10 -19.26 -21.53
C THR A 105 -15.71 -18.23 -20.57
N LEU A 106 -14.99 -17.15 -20.30
CA LEU A 106 -15.51 -16.11 -19.42
C LEU A 106 -16.73 -15.44 -20.03
N ALA A 107 -16.69 -15.18 -21.34
CA ALA A 107 -17.82 -14.53 -22.00
C ALA A 107 -19.07 -15.41 -21.96
N GLU A 108 -18.89 -16.74 -21.96
CA GLU A 108 -20.03 -17.63 -21.88
C GLU A 108 -20.69 -17.58 -20.52
N LEU A 109 -19.89 -17.44 -19.45
CA LEU A 109 -20.46 -17.36 -18.11
C LEU A 109 -21.27 -16.09 -17.93
N GLN A 110 -20.79 -14.96 -18.44
CA GLN A 110 -21.55 -13.72 -18.33
C GLN A 110 -22.88 -13.82 -19.07
N LYS A 111 -22.85 -14.39 -20.27
CA LYS A 111 -24.09 -14.57 -21.02
C LYS A 111 -25.04 -15.51 -20.29
N ARG A 112 -24.50 -16.56 -19.67
CA ARG A 112 -25.34 -17.49 -18.93
C ARG A 112 -25.84 -16.88 -17.63
N TYR A 113 -25.02 -16.06 -16.98
CA TYR A 113 -25.43 -15.49 -15.70
C TYR A 113 -26.49 -14.41 -15.88
N TRP A 114 -26.31 -13.51 -16.85
CA TRP A 114 -27.30 -12.46 -17.03
C TRP A 114 -28.64 -13.02 -17.48
N ALA A 115 -28.64 -14.17 -18.14
CA ALA A 115 -29.90 -14.85 -18.43
C ALA A 115 -30.57 -15.35 -17.16
N ARG A 116 -29.79 -15.86 -16.21
CA ARG A 116 -30.38 -16.39 -15.00
C ARG A 116 -30.92 -15.27 -14.11
N THR A 117 -30.19 -14.16 -13.99
CA THR A 117 -30.65 -13.09 -13.11
C THR A 117 -31.82 -12.31 -13.70
N HIS B 4 -0.96 13.38 -15.42
CA HIS B 4 -1.41 13.94 -14.16
C HIS B 4 -1.18 15.46 -14.12
N LEU B 5 -0.25 15.93 -14.94
CA LEU B 5 0.05 17.36 -14.95
C LEU B 5 -1.12 18.16 -15.51
N LEU B 6 -1.70 17.71 -16.62
CA LEU B 6 -2.80 18.45 -17.23
C LEU B 6 -4.03 18.56 -16.34
N PRO B 7 -4.55 17.48 -15.74
CA PRO B 7 -5.70 17.66 -14.84
C PRO B 7 -5.41 18.54 -13.64
N ARG B 8 -4.18 18.50 -13.11
CA ARG B 8 -3.83 19.40 -12.01
C ARG B 8 -3.80 20.85 -12.47
N PHE B 9 -3.27 21.10 -13.67
CA PHE B 9 -3.27 22.47 -14.20
C PHE B 9 -4.68 22.92 -14.55
N LEU B 10 -5.51 22.01 -15.06
CA LEU B 10 -6.88 22.37 -15.43
C LEU B 10 -7.69 22.81 -14.23
N LEU B 11 -7.44 22.24 -13.06
CA LEU B 11 -8.16 22.64 -11.86
C LEU B 11 -7.89 24.11 -11.52
N ALA B 12 -6.64 24.53 -11.60
CA ALA B 12 -6.30 25.91 -11.31
C ALA B 12 -6.90 26.86 -12.33
N LEU B 13 -6.93 26.45 -13.60
CA LEU B 13 -7.46 27.33 -14.65
C LEU B 13 -8.97 27.50 -14.53
N LEU B 14 -9.69 26.39 -14.31
CA LEU B 14 -11.14 26.48 -14.23
C LEU B 14 -11.59 27.17 -12.94
N LEU B 15 -10.85 26.96 -11.85
CA LEU B 15 -11.18 27.63 -10.60
C LEU B 15 -11.03 29.14 -10.76
N ALA B 16 -9.97 29.58 -11.44
CA ALA B 16 -9.78 31.01 -11.67
C ALA B 16 -10.91 31.60 -12.51
N LEU B 17 -11.35 30.88 -13.53
CA LEU B 17 -12.45 31.36 -14.36
C LEU B 17 -13.73 31.49 -13.54
N GLY B 18 -13.97 30.56 -12.63
CA GLY B 18 -15.16 30.63 -11.79
C GLY B 18 -15.15 31.84 -10.88
N LEU B 19 -14.01 32.13 -10.26
CA LEU B 19 -13.92 33.29 -9.37
C LEU B 19 -14.01 34.59 -10.15
N ALA B 20 -13.46 34.62 -11.37
CA ALA B 20 -13.53 35.83 -12.18
C ALA B 20 -14.98 36.20 -12.50
N LEU B 21 -15.81 35.19 -12.81
CA LEU B 21 -17.22 35.46 -13.05
C LEU B 21 -17.92 35.97 -11.80
N ALA B 22 -17.41 35.61 -10.61
CA ALA B 22 -18.05 36.02 -9.37
C ALA B 22 -17.87 37.52 -9.12
N ALA B 23 -16.67 38.04 -9.33
CA ALA B 23 -16.43 39.45 -9.08
C ALA B 23 -17.20 40.34 -10.06
N LEU B 24 -17.38 39.87 -11.29
CA LEU B 24 -18.08 40.64 -12.31
C LEU B 24 -19.59 40.50 -12.22
N THR B 25 -20.09 39.68 -11.30
CA THR B 25 -21.54 39.47 -11.17
C THR B 25 -22.03 39.69 -9.73
N ARG B 26 -21.21 40.25 -8.86
CA ARG B 26 -21.66 40.57 -7.52
C ARG B 26 -22.78 41.61 -7.59
N PRO B 27 -23.86 41.44 -6.81
CA PRO B 27 -24.94 42.42 -6.84
C PRO B 27 -24.43 43.81 -6.46
N LEU B 28 -24.95 44.82 -7.16
CA LEU B 28 -24.51 46.18 -6.95
C LEU B 28 -24.98 46.75 -5.62
N ALA B 29 -26.03 46.19 -5.04
CA ALA B 29 -26.53 46.69 -3.76
C ALA B 29 -25.58 46.31 -2.64
N PRO B 30 -25.07 47.25 -1.87
CA PRO B 30 -24.18 46.90 -0.76
C PRO B 30 -24.92 46.13 0.33
N GLY B 31 -24.19 45.25 1.00
CA GLY B 31 -24.76 44.43 2.05
C GLY B 31 -25.75 43.41 1.51
N PHE B 32 -25.25 42.47 0.72
CA PHE B 32 -26.10 41.47 0.08
C PHE B 32 -26.07 40.19 0.90
N ALA B 33 -27.27 39.67 1.20
CA ALA B 33 -27.38 38.42 1.94
C ALA B 33 -27.26 37.24 1.00
N LEU B 34 -26.41 36.28 1.36
CA LEU B 34 -26.16 35.10 0.55
C LEU B 34 -27.02 33.93 1.02
N SER B 35 -27.34 33.05 0.08
CA SER B 35 -28.16 31.86 0.35
C SER B 35 -27.36 30.64 -0.12
N PHE B 36 -26.64 30.03 0.82
CA PHE B 36 -25.84 28.85 0.49
C PHE B 36 -26.69 27.64 0.11
N SER B 37 -27.98 27.67 0.45
CA SER B 37 -28.85 26.54 0.12
C SER B 37 -28.98 26.42 -1.40
N PRO B 38 -28.88 25.20 -1.94
CA PRO B 38 -28.96 25.01 -3.41
C PRO B 38 -30.40 24.84 -3.88
N LEU B 39 -31.18 25.92 -3.76
CA LEU B 39 -32.57 25.93 -4.18
C LEU B 39 -32.66 26.63 -5.53
N THR B 40 -33.21 25.93 -6.52
CA THR B 40 -33.35 26.47 -7.86
C THR B 40 -34.72 27.15 -7.97
N ALA B 41 -35.11 27.51 -9.20
CA ALA B 41 -36.38 28.15 -9.44
C ALA B 41 -37.43 27.13 -9.87
N PHE B 42 -38.69 27.55 -9.78
CA PHE B 42 -39.79 26.67 -10.16
C PHE B 42 -39.74 26.40 -11.66
N PRO B 43 -40.03 25.18 -12.10
CA PRO B 43 -39.95 24.87 -13.54
C PRO B 43 -40.86 25.72 -14.41
N LEU B 44 -41.99 26.17 -13.88
CA LEU B 44 -42.89 27.01 -14.67
C LEU B 44 -42.23 28.33 -15.01
N HIS B 45 -41.51 28.92 -14.06
CA HIS B 45 -40.88 30.22 -14.25
C HIS B 45 -39.50 30.13 -14.90
N LEU B 46 -38.98 28.92 -15.14
CA LEU B 46 -37.65 28.76 -15.72
C LEU B 46 -37.57 29.31 -17.14
N GLY B 47 -38.71 29.48 -17.81
CA GLY B 47 -38.69 30.04 -19.16
C GLY B 47 -38.15 31.46 -19.18
N HIS B 48 -38.49 32.26 -18.18
CA HIS B 48 -38.00 33.63 -18.08
C HIS B 48 -36.94 33.80 -17.00
N ARG B 49 -36.84 32.88 -16.05
CA ARG B 49 -35.83 32.99 -15.00
C ARG B 49 -34.42 32.93 -15.57
N LEU B 50 -34.18 32.02 -16.51
CA LEU B 50 -32.86 31.94 -17.13
C LEU B 50 -32.56 33.20 -17.92
N GLY B 51 -33.52 33.71 -18.67
CA GLY B 51 -33.30 34.92 -19.44
C GLY B 51 -33.07 36.14 -18.55
N GLN B 52 -33.83 36.24 -17.45
CA GLN B 52 -33.66 37.37 -16.55
C GLN B 52 -32.28 37.36 -15.89
N ASN B 53 -31.83 36.18 -15.45
CA ASN B 53 -30.55 36.10 -14.76
C ASN B 53 -29.37 36.22 -15.73
N LEU B 54 -29.50 35.66 -16.93
CA LEU B 54 -28.41 35.73 -17.90
C LEU B 54 -28.15 37.17 -18.34
N ARG B 55 -29.21 37.95 -18.54
CA ARG B 55 -29.04 39.34 -18.94
C ARG B 55 -28.30 40.15 -17.89
N ALA B 56 -28.60 39.90 -16.61
CA ALA B 56 -27.92 40.63 -15.55
C ALA B 56 -26.42 40.34 -15.55
N ALA B 57 -26.04 39.08 -15.74
CA ALA B 57 -24.62 38.75 -15.83
C ALA B 57 -24.00 39.35 -17.09
N TRP B 58 -24.71 39.31 -18.21
CA TRP B 58 -24.18 39.85 -19.46
C TRP B 58 -24.09 41.37 -19.41
N SER B 59 -24.96 42.02 -18.65
CA SER B 59 -24.92 43.48 -18.55
C SER B 59 -23.61 43.96 -17.93
N ALA B 60 -23.17 43.30 -16.86
CA ALA B 60 -21.96 43.69 -16.15
C ALA B 60 -20.71 42.99 -16.65
N LEU B 61 -20.83 42.14 -17.68
CA LEU B 61 -19.68 41.40 -18.21
C LEU B 61 -18.93 42.22 -19.25
N SER B 62 -19.61 42.63 -20.31
CA SER B 62 -18.98 43.41 -21.37
C SER B 62 -18.99 44.89 -21.01
N ALA B 63 -18.12 45.64 -21.66
CA ALA B 63 -17.99 47.07 -21.43
C ALA B 63 -17.52 47.80 -22.67
N ALA C 2 -28.09 7.52 -14.67
CA ALA C 2 -27.31 8.74 -14.85
C ALA C 2 -28.23 9.95 -14.96
N LEU C 3 -28.68 10.23 -16.19
CA LEU C 3 -29.59 11.35 -16.41
C LEU C 3 -30.93 11.17 -15.72
N VAL C 4 -31.31 9.93 -15.41
CA VAL C 4 -32.60 9.69 -14.76
C VAL C 4 -32.62 10.34 -13.38
N TYR C 5 -31.55 10.17 -12.61
CA TYR C 5 -31.47 10.77 -11.29
C TYR C 5 -31.40 12.29 -11.36
N LEU C 6 -30.74 12.83 -12.39
CA LEU C 6 -30.62 14.27 -12.53
C LEU C 6 -31.98 14.94 -12.69
N VAL C 7 -32.86 14.34 -13.50
CA VAL C 7 -34.19 14.91 -13.69
C VAL C 7 -34.97 14.88 -12.38
N LEU C 8 -34.92 13.75 -11.66
CA LEU C 8 -35.56 13.69 -10.35
C LEU C 8 -34.89 14.61 -9.36
N LEU C 9 -33.59 14.88 -9.53
CA LEU C 9 -32.89 15.78 -8.63
C LEU C 9 -33.46 17.19 -8.71
N LEU C 10 -33.75 17.68 -9.92
CA LEU C 10 -34.28 19.02 -10.09
C LEU C 10 -35.67 19.15 -9.46
N PHE C 11 -36.54 18.15 -9.68
CA PHE C 11 -37.87 18.19 -9.09
C PHE C 11 -37.80 18.16 -7.58
N LEU C 12 -36.97 17.27 -7.02
CA LEU C 12 -36.86 17.18 -5.56
C LEU C 12 -36.27 18.45 -4.97
N SER C 13 -35.25 19.02 -5.63
CA SER C 13 -34.68 20.27 -5.15
C SER C 13 -35.68 21.41 -5.27
N GLY C 14 -36.47 21.43 -6.35
CA GLY C 14 -37.46 22.48 -6.51
C GLY C 14 -38.53 22.45 -5.43
N LEU C 15 -38.99 21.25 -5.06
CA LEU C 15 -40.00 21.13 -4.02
C LEU C 15 -39.47 21.65 -2.68
N LEU C 16 -38.20 21.35 -2.37
CA LEU C 16 -37.61 21.83 -1.14
C LEU C 16 -37.53 23.34 -1.11
N GLN C 17 -37.17 23.96 -2.24
CA GLN C 17 -37.07 25.41 -2.31
C GLN C 17 -38.42 26.08 -2.07
N ALA C 18 -39.48 25.51 -2.64
CA ALA C 18 -40.79 26.15 -2.58
C ALA C 18 -41.28 26.25 -1.14
N LEU C 19 -41.16 25.16 -0.37
CA LEU C 19 -41.61 25.13 1.02
C LEU C 19 -40.48 24.59 1.89
N LEU C 20 -39.62 25.49 2.35
CA LEU C 20 -38.53 25.12 3.24
C LEU C 20 -38.71 25.81 4.59
N PRO C 21 -38.68 25.06 5.70
CA PRO C 21 -38.76 25.71 7.01
C PRO C 21 -37.64 26.71 7.24
N GLU C 22 -38.01 27.98 7.42
CA GLU C 22 -37.01 29.03 7.55
C GLU C 22 -36.19 28.85 8.82
N GLY C 23 -34.89 29.17 8.71
CA GLY C 23 -33.99 28.97 9.82
C GLY C 23 -33.56 27.54 10.03
N TRP C 24 -33.78 26.67 9.05
CA TRP C 24 -33.43 25.26 9.14
C TRP C 24 -32.70 24.84 7.88
N PRO C 25 -31.79 23.88 7.98
CA PRO C 25 -30.97 23.49 6.83
C PRO C 25 -31.78 22.64 5.85
N ALA C 26 -31.12 22.31 4.74
CA ALA C 26 -31.74 21.51 3.68
C ALA C 26 -30.67 20.57 3.12
N PRO C 27 -31.07 19.43 2.58
CA PRO C 27 -30.08 18.49 2.04
C PRO C 27 -29.42 19.04 0.79
N ASP C 28 -28.09 18.90 0.72
CA ASP C 28 -27.34 19.30 -0.46
C ASP C 28 -27.46 18.23 -1.53
N LEU C 29 -28.54 18.28 -2.30
CA LEU C 29 -28.81 17.22 -3.27
C LEU C 29 -27.80 17.18 -4.39
N PHE C 30 -27.09 18.28 -4.63
CA PHE C 30 -26.08 18.28 -5.68
C PHE C 30 -24.81 17.57 -5.23
N LEU C 31 -24.46 17.69 -3.95
CA LEU C 31 -23.27 17.02 -3.45
C LEU C 31 -23.42 15.50 -3.55
N VAL C 32 -24.60 14.98 -3.20
CA VAL C 32 -24.82 13.53 -3.26
C VAL C 32 -24.91 13.02 -4.69
N TYR C 33 -24.99 13.90 -5.67
CA TYR C 33 -25.03 13.51 -7.07
C TYR C 33 -23.65 13.53 -7.70
N ALA C 34 -22.87 14.58 -7.45
CA ALA C 34 -21.51 14.65 -7.99
C ALA C 34 -20.63 13.56 -7.41
N LEU C 35 -20.81 13.24 -6.14
CA LEU C 35 -20.01 12.18 -5.51
C LEU C 35 -20.29 10.83 -6.17
N TRP C 36 -21.55 10.57 -6.52
CA TRP C 36 -21.88 9.30 -7.16
C TRP C 36 -21.19 9.17 -8.51
N LEU C 37 -21.17 10.25 -9.30
CA LEU C 37 -20.53 10.20 -10.61
C LEU C 37 -19.01 10.14 -10.49
N ALA C 38 -18.45 10.85 -9.51
CA ALA C 38 -17.00 10.94 -9.36
C ALA C 38 -16.40 9.78 -8.57
N ALA C 39 -17.22 8.85 -8.07
CA ALA C 39 -16.68 7.75 -7.29
C ALA C 39 -16.18 6.62 -8.18
N SER C 40 -17.07 6.04 -8.98
CA SER C 40 -16.69 4.90 -9.82
C SER C 40 -15.89 5.33 -11.04
N ARG C 41 -16.15 6.52 -11.57
CA ARG C 41 -15.49 6.98 -12.78
C ARG C 41 -14.00 7.24 -12.52
N PRO C 42 -13.19 7.23 -13.58
CA PRO C 42 -11.75 7.46 -13.39
C PRO C 42 -11.51 8.83 -12.81
N PRO C 43 -10.39 9.00 -12.09
CA PRO C 43 -10.14 10.30 -11.44
C PRO C 43 -10.05 11.46 -12.42
N LEU C 44 -9.50 11.24 -13.62
CA LEU C 44 -9.47 12.31 -14.61
C LEU C 44 -10.88 12.74 -14.98
N LEU C 45 -11.78 11.78 -15.19
CA LEU C 45 -13.17 12.11 -15.49
C LEU C 45 -13.93 12.54 -14.24
N GLY C 46 -13.53 12.04 -13.07
CA GLY C 46 -14.25 12.38 -11.85
C GLY C 46 -14.21 13.85 -11.53
N LEU C 47 -13.01 14.45 -11.61
CA LEU C 47 -12.89 15.88 -11.34
C LEU C 47 -13.63 16.71 -12.38
N ALA C 48 -13.54 16.32 -13.65
CA ALA C 48 -14.20 17.07 -14.72
C ALA C 48 -15.72 17.02 -14.58
N LEU C 49 -16.26 15.85 -14.23
CA LEU C 49 -17.71 15.72 -14.11
C LEU C 49 -18.25 16.61 -13.00
N ALA C 50 -17.56 16.66 -11.86
CA ALA C 50 -18.03 17.48 -10.75
C ALA C 50 -18.04 18.96 -11.11
N PHE C 51 -17.01 19.42 -11.83
CA PHE C 51 -16.95 20.83 -12.20
C PHE C 51 -18.11 21.22 -13.09
N LEU C 52 -18.48 20.35 -14.05
CA LEU C 52 -19.64 20.62 -14.89
C LEU C 52 -20.92 20.66 -14.06
N VAL C 53 -21.05 19.75 -13.10
CA VAL C 53 -22.21 19.77 -12.21
C VAL C 53 -22.18 21.01 -11.33
N GLY C 54 -20.98 21.43 -10.92
CA GLY C 54 -20.88 22.63 -10.09
C GLY C 54 -21.37 23.88 -10.80
N LEU C 55 -21.04 24.02 -12.08
CA LEU C 55 -21.53 25.16 -12.84
C LEU C 55 -23.03 25.10 -13.04
N LEU C 56 -23.57 23.89 -13.25
CA LEU C 56 -25.01 23.74 -13.46
C LEU C 56 -25.79 24.21 -12.24
N GLN C 57 -25.29 23.91 -11.03
CA GLN C 57 -25.96 24.37 -9.82
C GLN C 57 -25.96 25.88 -9.73
N ASP C 58 -24.85 26.53 -10.09
CA ASP C 58 -24.77 27.98 -10.02
C ASP C 58 -25.60 28.65 -11.10
N LEU C 59 -25.66 28.06 -12.30
CA LEU C 59 -26.49 28.64 -13.36
C LEU C 59 -27.97 28.61 -12.98
N LEU C 60 -28.40 27.59 -12.25
CA LEU C 60 -29.78 27.45 -11.81
C LEU C 60 -30.02 28.00 -10.42
N GLY C 61 -29.02 28.63 -9.81
CA GLY C 61 -29.15 29.14 -8.47
C GLY C 61 -28.84 30.62 -8.40
N PHE C 62 -29.34 31.25 -7.33
CA PHE C 62 -29.15 32.67 -7.10
C PHE C 62 -27.77 32.90 -6.44
N GLY C 63 -26.74 32.75 -7.26
CA GLY C 63 -25.39 32.94 -6.79
C GLY C 63 -24.44 33.21 -7.94
N LEU C 64 -23.29 33.76 -7.59
CA LEU C 64 -22.26 34.02 -8.59
C LEU C 64 -21.69 32.70 -9.11
N LEU C 65 -21.39 32.69 -10.41
CA LEU C 65 -20.82 31.49 -11.02
C LEU C 65 -19.48 31.15 -10.38
N GLY C 66 -19.27 29.85 -10.13
CA GLY C 66 -18.04 29.37 -9.54
C GLY C 66 -18.06 29.27 -8.03
N LEU C 67 -19.06 29.83 -7.37
CA LEU C 67 -19.15 29.71 -5.92
C LEU C 67 -19.35 28.26 -5.50
N HIS C 68 -20.20 27.53 -6.21
CA HIS C 68 -20.41 26.11 -5.92
C HIS C 68 -19.57 25.21 -6.81
N ALA C 69 -19.18 25.69 -8.00
CA ALA C 69 -18.36 24.88 -8.90
C ALA C 69 -17.01 24.57 -8.28
N VAL C 70 -16.39 25.55 -7.63
CA VAL C 70 -15.14 25.30 -6.94
C VAL C 70 -15.36 24.40 -5.73
N GLY C 71 -16.49 24.57 -5.04
CA GLY C 71 -16.77 23.75 -3.88
C GLY C 71 -16.94 22.29 -4.24
N LEU C 72 -17.69 22.00 -5.30
CA LEU C 72 -17.93 20.62 -5.68
C LEU C 72 -16.69 19.97 -6.29
N LEU C 73 -15.85 20.76 -6.97
CA LEU C 73 -14.61 20.21 -7.52
C LEU C 73 -13.70 19.72 -6.40
N LEU C 74 -13.58 20.50 -5.32
CA LEU C 74 -12.82 20.04 -4.17
C LEU C 74 -13.52 18.89 -3.47
N ALA C 75 -14.85 18.89 -3.47
CA ALA C 75 -15.59 17.80 -2.84
C ALA C 75 -15.31 16.47 -3.53
N ALA C 76 -15.31 16.47 -4.86
CA ALA C 76 -15.00 15.24 -5.59
C ALA C 76 -13.55 14.83 -5.39
N TYR C 77 -12.63 15.81 -5.38
CA TYR C 77 -11.24 15.49 -5.15
C TYR C 77 -11.01 14.98 -3.73
N ALA C 78 -11.67 15.59 -2.73
CA ALA C 78 -11.50 15.14 -1.36
C ALA C 78 -12.02 13.71 -1.19
N TYR C 79 -13.16 13.39 -1.80
CA TYR C 79 -13.70 12.04 -1.70
C TYR C 79 -12.75 11.03 -2.35
N ALA C 94 -16.33 4.64 3.31
CA ALA C 94 -17.25 5.51 2.57
C ALA C 94 -17.82 6.59 3.48
N LEU C 95 -18.18 6.23 4.71
CA LEU C 95 -18.65 7.23 5.66
C LEU C 95 -17.54 8.23 6.00
N ALA C 96 -16.32 7.74 6.21
CA ALA C 96 -15.21 8.65 6.49
C ALA C 96 -14.91 9.53 5.28
N ALA C 97 -14.98 8.97 4.08
CA ALA C 97 -14.72 9.76 2.88
C ALA C 97 -15.77 10.84 2.69
N PHE C 98 -17.04 10.52 2.93
CA PHE C 98 -18.09 11.51 2.77
C PHE C 98 -17.92 12.66 3.74
N ALA C 99 -17.56 12.36 5.00
CA ALA C 99 -17.34 13.42 5.98
C ALA C 99 -16.19 14.34 5.55
N LEU C 100 -15.12 13.76 5.01
CA LEU C 100 -14.03 14.57 4.49
C LEU C 100 -14.45 15.29 3.21
N ALA C 101 -15.24 14.62 2.37
CA ALA C 101 -15.72 15.26 1.15
C ALA C 101 -16.65 16.43 1.46
N PHE C 102 -17.55 16.25 2.43
CA PHE C 102 -18.44 17.34 2.82
C PHE C 102 -17.66 18.50 3.41
N LEU C 103 -16.64 18.20 4.22
CA LEU C 103 -15.76 19.25 4.73
C LEU C 103 -14.99 19.92 3.60
N GLY C 104 -14.65 19.18 2.55
CA GLY C 104 -13.94 19.76 1.43
C GLY C 104 -14.78 20.80 0.70
N LYS C 105 -16.08 20.56 0.56
CA LYS C 105 -16.93 21.50 -0.15
C LYS C 105 -16.97 22.85 0.55
N TRP C 106 -17.11 22.85 1.88
CA TRP C 106 -17.16 24.10 2.61
C TRP C 106 -15.83 24.84 2.56
N PHE C 107 -14.73 24.11 2.40
CA PHE C 107 -13.44 24.76 2.17
C PHE C 107 -13.46 25.54 0.87
N GLY C 108 -14.26 25.10 -0.10
CA GLY C 108 -14.41 25.86 -1.33
C GLY C 108 -15.11 27.18 -1.10
N TYR C 109 -16.17 27.19 -0.29
CA TYR C 109 -16.90 28.43 -0.05
C TYR C 109 -16.04 29.46 0.66
N PHE C 110 -15.27 29.05 1.66
CA PHE C 110 -14.39 29.98 2.35
C PHE C 110 -13.28 30.47 1.42
N LEU C 111 -12.76 29.60 0.56
CA LEU C 111 -11.78 30.02 -0.42
C LEU C 111 -12.36 31.04 -1.39
N VAL C 112 -13.57 30.79 -1.88
CA VAL C 112 -14.21 31.73 -2.81
C VAL C 112 -14.53 33.04 -2.09
N ALA C 113 -15.07 32.96 -0.88
CA ALA C 113 -15.43 34.17 -0.15
C ALA C 113 -14.22 35.02 0.15
N TYR C 114 -13.13 34.41 0.61
CA TYR C 114 -11.92 35.18 0.90
C TYR C 114 -11.29 35.73 -0.37
N TRP C 115 -11.25 34.92 -1.44
CA TRP C 115 -10.67 35.40 -2.69
C TRP C 115 -11.50 36.51 -3.31
N LEU C 116 -12.83 36.39 -3.25
CA LEU C 116 -13.70 37.47 -3.71
C LEU C 116 -13.68 38.68 -2.80
N ARG C 117 -13.11 38.55 -1.61
CA ARG C 117 -13.05 39.64 -0.63
C ARG C 117 -14.45 40.17 -0.32
N LEU C 118 -15.29 39.28 0.20
CA LEU C 118 -16.66 39.58 0.56
C LEU C 118 -16.88 39.29 2.03
N ASP C 119 -18.11 39.54 2.49
CA ASP C 119 -18.47 39.38 3.88
C ASP C 119 -19.07 38.00 4.11
N LEU C 120 -18.54 37.28 5.10
CA LEU C 120 -19.06 35.96 5.42
C LEU C 120 -20.40 36.08 6.13
N PRO C 121 -21.48 35.51 5.60
CA PRO C 121 -22.77 35.58 6.30
C PRO C 121 -22.74 34.76 7.58
N ALA C 122 -23.64 35.11 8.49
CA ALA C 122 -23.75 34.39 9.76
C ALA C 122 -24.10 32.93 9.51
N LEU C 123 -23.36 32.04 10.16
CA LEU C 123 -23.51 30.60 9.98
C LEU C 123 -23.55 29.93 11.34
N PHE C 124 -24.75 29.61 11.82
CA PHE C 124 -24.88 28.81 13.02
C PHE C 124 -24.44 27.37 12.74
N PRO C 125 -23.93 26.67 13.76
CA PRO C 125 -23.45 25.30 13.52
C PRO C 125 -24.52 24.34 13.04
N TRP C 126 -25.81 24.67 13.21
CA TRP C 126 -26.87 23.80 12.73
C TRP C 126 -26.83 23.66 11.21
N LEU C 127 -26.58 24.75 10.50
CA LEU C 127 -26.64 24.72 9.03
C LEU C 127 -25.62 23.77 8.41
N PRO C 128 -24.32 23.79 8.76
CA PRO C 128 -23.40 22.84 8.13
C PRO C 128 -23.67 21.40 8.56
N LEU C 129 -23.86 21.18 9.86
CA LEU C 129 -24.16 19.84 10.34
C LEU C 129 -25.49 19.34 9.78
N GLY C 130 -26.48 20.21 9.67
CA GLY C 130 -27.77 19.80 9.12
C GLY C 130 -27.67 19.41 7.66
N GLU C 131 -26.93 20.18 6.87
CA GLU C 131 -26.79 19.85 5.46
C GLU C 131 -26.06 18.53 5.26
N GLY C 132 -25.00 18.29 6.03
CA GLY C 132 -24.25 17.05 5.88
C GLY C 132 -25.06 15.83 6.27
N LEU C 133 -25.75 15.92 7.41
CA LEU C 133 -26.53 14.77 7.87
C LEU C 133 -27.67 14.45 6.92
N LEU C 134 -28.38 15.47 6.44
CA LEU C 134 -29.45 15.22 5.47
C LEU C 134 -28.89 14.68 4.16
N SER C 135 -27.76 15.24 3.70
CA SER C 135 -27.15 14.73 2.48
C SER C 135 -26.65 13.30 2.65
N LEU C 136 -26.10 12.98 3.83
CA LEU C 136 -25.67 11.62 4.09
C LEU C 136 -26.83 10.65 4.02
N ALA C 137 -28.04 11.09 4.38
CA ALA C 137 -29.21 10.24 4.26
C ALA C 137 -29.54 9.90 2.81
N PHE C 138 -29.10 10.71 1.85
CA PHE C 138 -29.34 10.44 0.45
C PHE C 138 -28.16 9.74 -0.23
N PHE C 139 -26.94 10.01 0.21
CA PHE C 139 -25.77 9.38 -0.40
C PHE C 139 -25.61 7.92 0.01
N TRP C 140 -25.94 7.59 1.25
CA TRP C 140 -25.73 6.23 1.74
C TRP C 140 -26.50 5.18 0.95
N PRO C 141 -27.79 5.35 0.65
CA PRO C 141 -28.45 4.37 -0.22
C PRO C 141 -27.82 4.27 -1.60
N LEU C 142 -27.27 5.35 -2.12
CA LEU C 142 -26.63 5.33 -3.43
C LEU C 142 -25.12 5.20 -3.31
N GLU D 1 -2.39 -45.17 7.47
CA GLU D 1 -2.24 -43.83 8.04
C GLU D 1 -1.31 -42.98 7.18
N VAL D 2 -1.71 -41.73 6.95
CA VAL D 2 -0.92 -40.80 6.14
C VAL D 2 0.16 -40.19 7.02
N GLN D 3 1.41 -40.33 6.60
CA GLN D 3 2.53 -39.74 7.33
C GLN D 3 3.66 -39.49 6.35
N LEU D 4 4.52 -38.53 6.70
CA LEU D 4 5.70 -38.20 5.91
C LEU D 4 6.89 -38.10 6.82
N VAL D 5 8.01 -38.68 6.41
CA VAL D 5 9.24 -38.67 7.20
C VAL D 5 10.39 -38.21 6.30
N GLU D 6 11.22 -37.32 6.84
CA GLU D 6 12.37 -36.80 6.12
C GLU D 6 13.65 -37.41 6.68
N SER D 7 14.74 -37.23 5.93
CA SER D 7 16.04 -37.74 6.34
C SER D 7 17.12 -36.98 5.59
N GLY D 8 18.34 -37.11 6.06
CA GLY D 8 19.49 -36.54 5.41
C GLY D 8 20.03 -35.28 6.04
N GLY D 9 19.27 -34.63 6.92
CA GLY D 9 19.75 -33.43 7.57
C GLY D 9 20.91 -33.72 8.50
N GLY D 10 21.88 -32.81 8.53
CA GLY D 10 23.05 -32.98 9.36
C GLY D 10 24.08 -31.91 9.08
N LEU D 11 25.22 -32.05 9.74
CA LEU D 11 26.30 -31.07 9.60
C LEU D 11 26.82 -31.08 8.17
N VAL D 12 26.98 -29.89 7.59
CA VAL D 12 27.52 -29.73 6.25
C VAL D 12 28.43 -28.51 6.23
N GLN D 13 29.54 -28.61 5.53
CA GLN D 13 30.41 -27.46 5.35
C GLN D 13 29.71 -26.41 4.50
N PRO D 14 29.93 -25.13 4.78
CA PRO D 14 29.36 -24.07 3.93
C PRO D 14 29.90 -24.20 2.51
N GLY D 15 29.01 -24.02 1.54
CA GLY D 15 29.35 -24.28 0.16
C GLY D 15 29.25 -25.74 -0.25
N GLY D 16 28.91 -26.64 0.67
CA GLY D 16 28.77 -28.04 0.36
C GLY D 16 27.38 -28.36 -0.17
N SER D 17 27.15 -29.65 -0.39
CA SER D 17 25.90 -30.13 -0.96
C SER D 17 25.26 -31.15 -0.04
N LEU D 18 23.94 -31.03 0.15
CA LEU D 18 23.20 -31.93 1.00
C LEU D 18 21.90 -32.31 0.29
N ARG D 19 21.45 -33.55 0.53
CA ARG D 19 20.27 -34.08 -0.12
C ARG D 19 19.24 -34.49 0.92
N LEU D 20 18.04 -33.90 0.84
CA LEU D 20 16.94 -34.22 1.73
C LEU D 20 15.89 -35.00 0.97
N SER D 21 15.41 -36.08 1.56
CA SER D 21 14.38 -36.91 0.94
C SER D 21 13.17 -36.99 1.85
N CYS D 22 11.98 -36.91 1.26
CA CYS D 22 10.72 -36.94 1.98
C CYS D 22 9.98 -38.22 1.62
N ALA D 23 10.22 -39.27 2.40
CA ALA D 23 9.56 -40.55 2.14
C ALA D 23 8.10 -40.47 2.53
N ALA D 24 7.22 -40.64 1.54
CA ALA D 24 5.78 -40.54 1.74
C ALA D 24 5.19 -41.92 1.90
N SER D 25 4.35 -42.10 2.91
CA SER D 25 3.72 -43.38 3.18
C SER D 25 2.22 -43.18 3.37
N GLY D 26 1.44 -44.13 2.86
CA GLY D 26 0.00 -44.08 2.99
C GLY D 26 -0.74 -43.41 1.86
N PHE D 27 -0.03 -42.80 0.91
CA PHE D 27 -0.67 -42.17 -0.23
C PHE D 27 0.30 -42.18 -1.40
N ASN D 28 -0.16 -41.68 -2.54
CA ASN D 28 0.65 -41.63 -3.76
C ASN D 28 1.04 -40.19 -4.06
N VAL D 29 2.31 -39.99 -4.40
CA VAL D 29 2.80 -38.64 -4.67
C VAL D 29 2.14 -38.06 -5.91
N VAL D 30 1.70 -38.92 -6.84
CA VAL D 30 1.10 -38.41 -8.07
C VAL D 30 -0.19 -37.66 -7.79
N ASP D 31 -0.87 -37.97 -6.67
CA ASP D 31 -2.13 -37.33 -6.35
C ASP D 31 -1.99 -36.11 -5.46
N PHE D 32 -0.79 -35.77 -5.00
CA PHE D 32 -0.59 -34.65 -4.10
C PHE D 32 0.77 -34.02 -4.33
N SER D 33 0.80 -32.71 -4.56
CA SER D 33 2.07 -32.01 -4.67
C SER D 33 2.75 -31.94 -3.31
N LEU D 34 4.06 -32.11 -3.30
CA LEU D 34 4.86 -32.07 -2.08
C LEU D 34 5.64 -30.77 -2.02
N HIS D 35 5.52 -30.06 -0.90
CA HIS D 35 6.18 -28.79 -0.68
C HIS D 35 7.19 -28.90 0.45
N TRP D 36 8.24 -28.09 0.37
CA TRP D 36 9.23 -28.00 1.43
C TRP D 36 9.18 -26.61 2.05
N VAL D 37 9.05 -26.57 3.37
CA VAL D 37 9.04 -25.32 4.11
C VAL D 37 10.04 -25.43 5.25
N ARG D 38 10.85 -24.38 5.41
CA ARG D 38 11.90 -24.39 6.42
C ARG D 38 11.60 -23.38 7.50
N GLN D 39 12.08 -23.66 8.71
CA GLN D 39 11.92 -22.78 9.86
C GLN D 39 13.28 -22.54 10.48
N ALA D 40 13.80 -21.33 10.33
CA ALA D 40 15.05 -20.98 10.98
C ALA D 40 14.87 -21.07 12.50
N PRO D 41 15.90 -21.49 13.23
CA PRO D 41 15.73 -21.74 14.67
C PRO D 41 15.25 -20.50 15.41
N GLY D 42 14.04 -20.59 15.96
CA GLY D 42 13.47 -19.48 16.71
C GLY D 42 12.78 -18.41 15.88
N LYS D 43 12.57 -18.65 14.59
CA LYS D 43 11.93 -17.69 13.72
C LYS D 43 10.66 -18.31 13.11
N GLY D 44 10.05 -17.58 12.19
CA GLY D 44 8.82 -18.02 11.57
C GLY D 44 9.05 -18.91 10.36
N LEU D 45 7.97 -19.58 9.95
CA LEU D 45 8.05 -20.48 8.82
C LEU D 45 8.33 -19.71 7.53
N GLU D 46 8.94 -20.40 6.57
CA GLU D 46 9.29 -19.82 5.29
C GLU D 46 9.19 -20.90 4.23
N TRP D 47 8.82 -20.51 3.03
CA TRP D 47 8.64 -21.47 1.94
C TRP D 47 9.95 -21.67 1.19
N VAL D 48 10.13 -22.88 0.64
CA VAL D 48 11.39 -23.21 -0.02
C VAL D 48 11.19 -23.62 -1.47
N ALA D 49 10.48 -24.73 -1.69
CA ALA D 49 10.32 -25.28 -3.04
C ALA D 49 9.16 -26.25 -3.03
N TYR D 50 8.69 -26.60 -4.23
CA TYR D 50 7.63 -27.58 -4.38
C TYR D 50 7.81 -28.32 -5.69
N ILE D 51 7.22 -29.51 -5.78
CA ILE D 51 7.18 -30.27 -7.03
C ILE D 51 5.81 -30.90 -7.16
N SER D 52 5.23 -30.80 -8.35
CA SER D 52 3.95 -31.42 -8.69
C SER D 52 4.25 -32.57 -9.64
N SER D 53 4.39 -33.77 -9.08
CA SER D 53 4.89 -34.90 -9.86
C SER D 53 3.95 -35.28 -11.00
N SER D 54 2.66 -34.97 -10.86
CA SER D 54 1.72 -35.29 -11.93
C SER D 54 2.02 -34.49 -13.19
N SER D 55 2.31 -33.20 -13.04
CA SER D 55 2.56 -32.33 -14.18
C SER D 55 4.04 -32.08 -14.46
N GLY D 56 4.91 -32.31 -13.48
CA GLY D 56 6.32 -32.05 -13.65
C GLY D 56 6.74 -30.62 -13.39
N SER D 57 5.83 -29.75 -12.98
CA SER D 57 6.21 -28.38 -12.70
C SER D 57 7.04 -28.31 -11.42
N THR D 58 7.69 -27.16 -11.23
CA THR D 58 8.59 -26.97 -10.10
C THR D 58 8.89 -25.49 -9.96
N SER D 59 8.81 -24.98 -8.73
CA SER D 59 9.11 -23.58 -8.45
C SER D 59 9.96 -23.50 -7.20
N TYR D 60 10.58 -22.34 -6.99
CA TYR D 60 11.42 -22.10 -5.83
C TYR D 60 11.18 -20.69 -5.32
N ALA D 61 11.53 -20.47 -4.06
CA ALA D 61 11.46 -19.14 -3.50
C ALA D 61 12.50 -18.24 -4.13
N ASP D 62 12.25 -16.94 -4.07
CA ASP D 62 13.16 -15.98 -4.70
C ASP D 62 14.56 -16.04 -4.08
N SER D 63 14.64 -16.35 -2.79
CA SER D 63 15.92 -16.40 -2.09
C SER D 63 16.66 -17.72 -2.27
N VAL D 64 16.04 -18.69 -2.95
CA VAL D 64 16.64 -20.01 -3.10
C VAL D 64 16.81 -20.43 -4.56
N LYS D 65 16.19 -19.72 -5.51
CA LYS D 65 16.26 -20.14 -6.90
C LYS D 65 17.69 -20.13 -7.39
N GLY D 66 18.08 -21.18 -8.10
CA GLY D 66 19.42 -21.32 -8.62
C GLY D 66 20.34 -22.19 -7.80
N ARG D 67 19.95 -22.56 -6.59
CA ARG D 67 20.76 -23.43 -5.75
C ARG D 67 20.11 -24.78 -5.50
N PHE D 68 18.84 -24.79 -5.10
CA PHE D 68 18.15 -26.04 -4.80
C PHE D 68 17.59 -26.64 -6.08
N THR D 69 17.46 -27.96 -6.09
CA THR D 69 16.91 -28.69 -7.23
C THR D 69 16.06 -29.82 -6.69
N ILE D 70 14.75 -29.65 -6.71
CA ILE D 70 13.81 -30.58 -6.10
C ILE D 70 13.29 -31.52 -7.18
N SER D 71 13.33 -32.82 -6.90
CA SER D 71 12.86 -33.83 -7.83
C SER D 71 12.06 -34.87 -7.05
N ALA D 72 11.17 -35.56 -7.77
CA ALA D 72 10.31 -36.57 -7.16
C ALA D 72 10.50 -37.89 -7.89
N ASP D 73 10.25 -38.98 -7.17
CA ASP D 73 10.36 -40.33 -7.71
C ASP D 73 9.11 -41.09 -7.34
N THR D 74 8.19 -41.24 -8.29
CA THR D 74 6.93 -41.92 -8.03
C THR D 74 7.14 -43.39 -7.70
N SER D 75 8.11 -44.03 -8.37
CA SER D 75 8.35 -45.45 -8.14
C SER D 75 8.75 -45.72 -6.69
N LYS D 76 9.62 -44.88 -6.13
CA LYS D 76 10.02 -45.01 -4.74
C LYS D 76 9.14 -44.19 -3.79
N ASN D 77 8.18 -43.43 -4.33
CA ASN D 77 7.19 -42.72 -3.54
C ASN D 77 7.83 -41.70 -2.60
N THR D 78 8.88 -41.04 -3.06
CA THR D 78 9.57 -40.02 -2.29
C THR D 78 9.81 -38.79 -3.16
N ALA D 79 10.12 -37.68 -2.50
CA ALA D 79 10.52 -36.45 -3.18
C ALA D 79 11.85 -35.98 -2.61
N TYR D 80 12.84 -35.79 -3.48
CA TYR D 80 14.18 -35.43 -3.06
C TYR D 80 14.40 -33.94 -3.27
N LEU D 81 15.02 -33.29 -2.29
CA LEU D 81 15.43 -31.89 -2.40
C LEU D 81 16.95 -31.84 -2.33
N GLN D 82 17.58 -31.50 -3.44
CA GLN D 82 19.03 -31.37 -3.51
C GLN D 82 19.41 -29.93 -3.22
N MET D 83 20.26 -29.72 -2.23
CA MET D 83 20.69 -28.40 -1.82
C MET D 83 22.16 -28.20 -2.18
N ASN D 84 22.45 -27.15 -2.93
CA ASN D 84 23.79 -26.86 -3.38
C ASN D 84 24.19 -25.46 -2.95
N SER D 85 25.50 -25.29 -2.69
CA SER D 85 26.06 -24.00 -2.30
C SER D 85 25.37 -23.43 -1.07
N LEU D 86 25.32 -24.24 0.00
CA LEU D 86 24.70 -23.81 1.23
C LEU D 86 25.48 -22.66 1.86
N ARG D 87 24.74 -21.71 2.43
CA ARG D 87 25.31 -20.57 3.11
C ARG D 87 24.92 -20.61 4.58
N ALA D 88 25.30 -19.56 5.31
CA ALA D 88 25.06 -19.51 6.75
C ALA D 88 23.60 -19.25 7.10
N GLU D 89 22.79 -18.82 6.15
CA GLU D 89 21.39 -18.51 6.40
C GLU D 89 20.46 -19.68 6.06
N ASP D 90 21.01 -20.84 5.70
CA ASP D 90 20.22 -22.00 5.36
C ASP D 90 20.10 -23.00 6.51
N THR D 91 20.54 -22.63 7.70
CA THR D 91 20.35 -23.47 8.88
C THR D 91 18.90 -23.35 9.32
N ALA D 92 18.18 -24.45 9.32
CA ALA D 92 16.76 -24.44 9.67
C ALA D 92 16.29 -25.88 9.83
N VAL D 93 15.02 -26.03 10.14
CA VAL D 93 14.35 -27.33 10.18
C VAL D 93 13.45 -27.40 8.96
N TYR D 94 13.73 -28.36 8.07
CA TYR D 94 13.01 -28.45 6.81
C TYR D 94 11.84 -29.43 6.97
N TYR D 95 10.62 -28.93 6.82
CA TYR D 95 9.42 -29.74 6.89
C TYR D 95 8.96 -30.07 5.48
N CYS D 96 8.44 -31.28 5.30
CA CYS D 96 7.87 -31.72 4.04
C CYS D 96 6.35 -31.67 4.17
N ALA D 97 5.72 -30.83 3.36
CA ALA D 97 4.29 -30.64 3.44
C ALA D 97 3.58 -31.47 2.38
N ARG D 98 2.26 -31.43 2.40
CA ARG D 98 1.42 -32.07 1.39
C ARG D 98 0.32 -31.10 1.03
N TRP D 99 -0.20 -31.22 -0.18
CA TRP D 99 -1.22 -30.29 -0.63
C TRP D 99 -1.98 -30.91 -1.79
N GLY D 100 -3.30 -30.81 -1.74
CA GLY D 100 -4.15 -31.45 -2.73
C GLY D 100 -4.01 -30.80 -4.10
N TYR D 101 -4.78 -31.34 -5.04
CA TYR D 101 -4.77 -30.87 -6.42
C TYR D 101 -6.09 -30.17 -6.72
N TRP D 102 -6.00 -28.98 -7.30
CA TRP D 102 -7.18 -28.31 -7.81
C TRP D 102 -7.78 -29.13 -8.96
N PRO D 103 -9.11 -29.17 -9.10
CA PRO D 103 -10.12 -28.48 -8.30
C PRO D 103 -10.67 -29.34 -7.18
N GLY D 104 -11.67 -28.80 -6.48
CA GLY D 104 -12.35 -29.52 -5.43
C GLY D 104 -11.87 -29.10 -4.05
N GLU D 105 -12.46 -29.76 -3.06
CA GLU D 105 -12.07 -29.51 -1.67
C GLU D 105 -10.59 -29.77 -1.38
N PRO D 106 -9.95 -30.83 -1.87
CA PRO D 106 -8.57 -31.09 -1.43
C PRO D 106 -7.60 -29.95 -1.67
N TRP D 107 -7.86 -29.08 -2.65
CA TRP D 107 -7.02 -27.91 -2.83
C TRP D 107 -7.18 -26.95 -1.66
N TRP D 108 -8.40 -26.81 -1.13
CA TRP D 108 -8.65 -25.90 -0.03
C TRP D 108 -8.04 -26.38 1.28
N LYS D 109 -7.70 -27.66 1.37
CA LYS D 109 -7.20 -28.21 2.63
C LYS D 109 -5.86 -27.61 3.05
N ALA D 110 -5.09 -27.08 2.10
CA ALA D 110 -3.76 -26.54 2.38
C ALA D 110 -2.89 -27.66 2.97
N PHE D 111 -1.83 -27.29 3.69
CA PHE D 111 -0.85 -28.26 4.19
C PHE D 111 -1.44 -29.03 5.35
N ASP D 112 -2.30 -30.00 5.01
CA ASP D 112 -3.01 -30.73 6.07
C ASP D 112 -2.08 -31.65 6.84
N TYR D 113 -1.13 -32.30 6.17
CA TYR D 113 -0.22 -33.23 6.83
C TYR D 113 1.21 -32.80 6.62
N TRP D 114 1.99 -32.84 7.70
CA TRP D 114 3.36 -32.34 7.72
C TRP D 114 4.30 -33.44 8.15
N GLY D 115 5.57 -33.30 7.77
CA GLY D 115 6.58 -34.24 8.17
C GLY D 115 7.13 -33.93 9.54
N GLN D 116 7.97 -34.85 10.04
CA GLN D 116 8.63 -34.64 11.32
C GLN D 116 9.59 -33.47 11.27
N GLY D 117 10.34 -33.34 10.18
CA GLY D 117 11.30 -32.27 10.05
C GLY D 117 12.72 -32.69 10.38
N THR D 118 13.66 -32.38 9.50
CA THR D 118 15.06 -32.73 9.68
C THR D 118 15.89 -31.45 9.78
N LEU D 119 16.82 -31.44 10.74
CA LEU D 119 17.62 -30.27 11.00
C LEU D 119 18.84 -30.24 10.10
N VAL D 120 19.02 -29.13 9.39
CA VAL D 120 20.18 -28.91 8.53
C VAL D 120 20.94 -27.72 9.09
N THR D 121 22.19 -27.94 9.47
CA THR D 121 23.03 -26.89 10.04
C THR D 121 24.33 -26.84 9.28
N VAL D 122 24.72 -25.65 8.84
CA VAL D 122 26.01 -25.43 8.21
C VAL D 122 27.01 -25.05 9.29
N PHE D 123 28.16 -25.72 9.29
CA PHE D 123 29.11 -25.64 10.39
C PHE D 123 30.51 -25.39 9.86
N ASN D 124 31.28 -24.62 10.61
CA ASN D 124 32.69 -24.42 10.29
C ASN D 124 33.58 -25.47 10.93
N GLN D 125 33.39 -25.72 12.23
CA GLN D 125 34.14 -26.76 12.94
C GLN D 125 33.37 -27.12 14.20
N ILE D 126 33.70 -28.30 14.74
CA ILE D 126 33.09 -28.78 15.98
C ILE D 126 34.17 -28.85 17.05
N LYS D 127 33.90 -28.22 18.19
CA LYS D 127 34.82 -28.23 19.32
C LYS D 127 34.03 -28.36 20.61
N GLY D 128 34.65 -28.98 21.60
CA GLY D 128 34.02 -29.21 22.88
C GLY D 128 33.88 -27.94 23.70
N PRO D 129 33.04 -27.99 24.73
CA PRO D 129 32.85 -26.80 25.57
C PRO D 129 34.04 -26.53 26.45
N SER D 130 34.14 -25.26 26.87
CA SER D 130 35.11 -24.83 27.86
C SER D 130 34.33 -24.07 28.93
N VAL D 131 34.06 -24.74 30.05
CA VAL D 131 33.17 -24.22 31.08
C VAL D 131 33.96 -23.39 32.07
N PHE D 132 33.45 -22.18 32.37
CA PHE D 132 34.03 -21.30 33.36
C PHE D 132 33.05 -21.10 34.50
N PRO D 133 33.49 -21.19 35.75
CA PRO D 133 32.57 -21.00 36.87
C PRO D 133 32.20 -19.54 37.05
N LEU D 134 31.03 -19.32 37.66
CA LEU D 134 30.58 -17.99 38.04
C LEU D 134 30.62 -17.92 39.56
N ALA D 135 31.55 -17.14 40.08
CA ALA D 135 31.75 -17.10 41.53
C ALA D 135 30.55 -16.47 42.21
N PRO D 136 29.98 -17.12 43.23
CA PRO D 136 28.89 -16.51 43.98
C PRO D 136 29.38 -15.34 44.83
N SER D 137 28.46 -14.45 45.13
CA SER D 137 28.76 -13.29 45.99
C SER D 137 29.13 -13.73 47.40
N THR D 145 19.81 -15.25 49.73
CA THR D 145 19.88 -16.23 48.65
C THR D 145 21.00 -15.87 47.68
N ALA D 146 21.98 -16.76 47.57
CA ALA D 146 23.11 -16.58 46.68
C ALA D 146 22.98 -17.50 45.47
N ALA D 147 23.25 -16.96 44.29
CA ALA D 147 23.13 -17.68 43.03
C ALA D 147 24.51 -17.93 42.45
N LEU D 148 24.74 -19.16 41.97
CA LEU D 148 26.00 -19.53 41.35
C LEU D 148 25.71 -20.42 40.15
N GLY D 149 26.66 -20.45 39.22
CA GLY D 149 26.47 -21.24 38.02
C GLY D 149 27.75 -21.41 37.25
N CYS D 150 27.69 -22.26 36.23
CA CYS D 150 28.82 -22.53 35.34
C CYS D 150 28.48 -22.04 33.94
N LEU D 151 29.32 -21.16 33.40
CA LEU D 151 29.13 -20.58 32.08
C LEU D 151 29.83 -21.45 31.04
N VAL D 152 29.07 -21.95 30.09
CA VAL D 152 29.59 -22.78 29.01
C VAL D 152 29.74 -21.92 27.77
N LYS D 153 30.98 -21.74 27.31
CA LYS D 153 31.28 -20.80 26.24
C LYS D 153 32.06 -21.48 25.13
N ASP D 154 31.75 -21.11 23.89
CA ASP D 154 32.45 -21.59 22.69
C ASP D 154 32.37 -23.12 22.58
N TYR D 155 31.14 -23.59 22.37
CA TYR D 155 30.87 -25.00 22.12
C TYR D 155 29.99 -25.13 20.88
N PHE D 156 30.16 -26.23 20.17
CA PHE D 156 29.42 -26.48 18.93
C PHE D 156 29.48 -27.97 18.62
N PRO D 157 28.37 -28.59 18.21
CA PRO D 157 27.03 -28.02 18.07
C PRO D 157 26.14 -28.33 19.26
N GLU D 158 24.87 -27.95 19.16
CA GLU D 158 23.90 -28.30 20.19
C GLU D 158 23.67 -29.81 20.21
N PRO D 159 23.24 -30.37 21.35
CA PRO D 159 23.03 -29.70 22.64
C PRO D 159 24.06 -30.08 23.69
N VAL D 160 24.02 -29.40 24.83
CA VAL D 160 24.83 -29.73 26.00
C VAL D 160 23.93 -29.76 27.22
N THR D 161 24.08 -30.80 28.03
CA THR D 161 23.25 -30.98 29.21
C THR D 161 24.06 -30.61 30.45
N VAL D 162 23.50 -29.74 31.29
CA VAL D 162 24.15 -29.31 32.52
C VAL D 162 23.40 -29.94 33.69
N SER D 163 24.10 -30.76 34.46
CA SER D 163 23.54 -31.40 35.65
C SER D 163 24.40 -31.03 36.85
N TRP D 164 23.74 -30.75 37.97
CA TRP D 164 24.42 -30.31 39.18
C TRP D 164 24.49 -31.46 40.17
N ASN D 165 25.70 -31.71 40.68
CA ASN D 165 25.95 -32.79 41.63
C ASN D 165 25.47 -34.13 41.08
N SER D 166 25.76 -34.38 39.81
CA SER D 166 25.36 -35.60 39.11
C SER D 166 23.85 -35.83 39.20
N GLY D 167 23.09 -34.75 39.03
CA GLY D 167 21.64 -34.82 39.03
C GLY D 167 20.99 -34.80 40.40
N ALA D 168 21.78 -34.69 41.47
CA ALA D 168 21.20 -34.68 42.81
C ALA D 168 20.37 -33.42 43.04
N LEU D 169 20.80 -32.29 42.49
CA LEU D 169 20.14 -31.01 42.69
C LEU D 169 19.35 -30.66 41.43
N THR D 170 18.05 -30.41 41.59
CA THR D 170 17.21 -30.03 40.46
C THR D 170 16.21 -28.94 40.81
N SER D 171 16.32 -28.31 41.97
CA SER D 171 15.36 -27.29 42.40
C SER D 171 15.97 -25.92 42.16
N GLY D 172 15.26 -25.09 41.39
CA GLY D 172 15.68 -23.73 41.13
C GLY D 172 16.73 -23.57 40.06
N VAL D 173 17.16 -24.66 39.42
CA VAL D 173 18.21 -24.59 38.40
C VAL D 173 17.59 -24.23 37.06
N HIS D 174 18.10 -23.17 36.44
CA HIS D 174 17.67 -22.74 35.13
C HIS D 174 18.80 -22.94 34.14
N THR D 175 18.46 -23.36 32.92
CA THR D 175 19.43 -23.53 31.84
C THR D 175 18.92 -22.71 30.66
N PHE D 176 19.49 -21.53 30.46
CA PHE D 176 19.01 -20.64 29.42
C PHE D 176 19.31 -21.22 28.04
N PRO D 177 18.47 -20.93 27.05
CA PRO D 177 18.71 -21.46 25.70
C PRO D 177 20.03 -20.96 25.14
N ALA D 178 20.70 -21.83 24.39
CA ALA D 178 21.96 -21.46 23.78
C ALA D 178 21.76 -20.34 22.76
N VAL D 179 22.65 -19.35 22.80
CA VAL D 179 22.59 -18.20 21.91
C VAL D 179 23.80 -18.27 20.98
N LEU D 180 23.56 -18.16 19.68
CA LEU D 180 24.62 -18.23 18.69
C LEU D 180 25.45 -16.95 18.75
N GLN D 181 26.73 -17.09 19.08
CA GLN D 181 27.60 -15.93 19.16
C GLN D 181 27.93 -15.42 17.76
N SER D 182 28.75 -14.36 17.72
CA SER D 182 29.15 -13.80 16.43
C SER D 182 30.01 -14.79 15.65
N SER D 183 30.90 -15.50 16.32
CA SER D 183 31.82 -16.42 15.65
C SER D 183 31.14 -17.67 15.12
N GLY D 184 29.88 -17.91 15.47
CA GLY D 184 29.17 -19.08 15.02
C GLY D 184 29.16 -20.26 15.96
N LEU D 185 29.56 -20.07 17.21
CA LEU D 185 29.56 -21.13 18.21
C LEU D 185 28.65 -20.73 19.36
N TYR D 186 27.83 -21.66 19.81
CA TYR D 186 26.88 -21.38 20.88
C TYR D 186 27.61 -21.20 22.21
N SER D 187 26.92 -20.56 23.14
CA SER D 187 27.46 -20.36 24.48
C SER D 187 26.31 -20.09 25.43
N LEU D 188 26.04 -21.02 26.35
CA LEU D 188 24.93 -20.90 27.27
C LEU D 188 25.45 -20.94 28.71
N SER D 189 24.66 -20.37 29.61
CA SER D 189 24.98 -20.35 31.03
C SER D 189 23.81 -20.92 31.82
N SER D 190 24.12 -21.61 32.90
CA SER D 190 23.12 -22.17 33.79
C SER D 190 23.39 -21.74 35.21
N VAL D 191 22.33 -21.39 35.95
CA VAL D 191 22.45 -20.87 37.30
C VAL D 191 21.49 -21.62 38.21
N VAL D 192 21.79 -21.57 39.51
CA VAL D 192 20.95 -22.19 40.53
C VAL D 192 21.02 -21.34 41.79
N THR D 193 19.87 -21.05 42.37
CA THR D 193 19.78 -20.26 43.59
C THR D 193 19.75 -21.19 44.80
N VAL D 194 20.66 -20.97 45.74
CA VAL D 194 20.76 -21.80 46.94
C VAL D 194 20.78 -20.88 48.16
N PRO D 195 20.32 -21.34 49.32
CA PRO D 195 20.37 -20.50 50.52
C PRO D 195 21.80 -20.15 50.90
N SER D 196 22.00 -18.92 51.36
CA SER D 196 23.33 -18.44 51.69
C SER D 196 23.90 -19.12 52.93
N SER D 197 23.05 -19.72 53.76
CA SER D 197 23.54 -20.41 54.95
C SER D 197 24.38 -21.63 54.58
N SER D 198 23.96 -22.37 53.55
CA SER D 198 24.65 -23.59 53.14
C SER D 198 25.63 -23.35 52.01
N LEU D 199 25.92 -22.09 51.68
CA LEU D 199 26.87 -21.81 50.60
C LEU D 199 28.26 -22.32 50.94
N GLY D 200 28.70 -22.13 52.18
CA GLY D 200 30.02 -22.54 52.61
C GLY D 200 30.11 -23.89 53.27
N THR D 201 29.02 -24.69 53.25
CA THR D 201 29.02 -25.99 53.91
C THR D 201 29.10 -27.17 52.95
N GLN D 202 28.68 -27.00 51.70
CA GLN D 202 28.68 -28.08 50.73
C GLN D 202 29.30 -27.60 49.42
N THR D 203 29.82 -28.54 48.66
CA THR D 203 30.47 -28.26 47.39
C THR D 203 29.49 -28.47 46.25
N TYR D 204 29.33 -27.45 45.41
CA TYR D 204 28.47 -27.52 44.23
C TYR D 204 29.33 -27.84 43.02
N ILE D 205 29.03 -28.95 42.36
CA ILE D 205 29.78 -29.41 41.20
C ILE D 205 28.87 -29.43 39.99
N CYS D 206 29.27 -28.72 38.94
CA CYS D 206 28.53 -28.67 37.68
C CYS D 206 29.28 -29.48 36.63
N ASN D 207 28.58 -30.40 35.98
CA ASN D 207 29.16 -31.23 34.93
C ASN D 207 28.38 -31.05 33.64
N VAL D 208 29.10 -30.96 32.53
CA VAL D 208 28.51 -30.75 31.22
C VAL D 208 28.87 -31.92 30.33
N ASN D 209 27.92 -32.38 29.53
CA ASN D 209 28.13 -33.46 28.58
C ASN D 209 27.88 -32.95 27.18
N HIS D 210 28.81 -33.19 26.28
CA HIS D 210 28.69 -32.80 24.87
C HIS D 210 28.82 -34.06 24.04
N LYS D 211 27.68 -34.61 23.61
CA LYS D 211 27.69 -35.88 22.88
C LYS D 211 28.47 -35.82 21.57
N PRO D 212 28.28 -34.83 20.69
CA PRO D 212 29.02 -34.86 19.41
C PRO D 212 30.54 -34.87 19.57
N SER D 213 31.07 -34.16 20.56
CA SER D 213 32.51 -34.09 20.77
C SER D 213 33.00 -35.04 21.84
N ASN D 214 32.11 -35.78 22.50
CA ASN D 214 32.47 -36.69 23.58
C ASN D 214 33.30 -35.99 24.66
N THR D 215 32.88 -34.79 25.02
CA THR D 215 33.59 -33.95 25.99
C THR D 215 32.85 -33.99 27.31
N LYS D 216 33.57 -34.35 28.38
CA LYS D 216 33.03 -34.42 29.73
C LYS D 216 33.93 -33.59 30.63
N VAL D 217 33.43 -32.45 31.10
CA VAL D 217 34.17 -31.55 31.96
C VAL D 217 33.44 -31.42 33.28
N ASP D 218 34.20 -31.45 34.38
CA ASP D 218 33.64 -31.40 35.73
C ASP D 218 34.22 -30.18 36.43
N LYS D 219 33.48 -29.08 36.43
CA LYS D 219 33.93 -27.83 37.02
C LYS D 219 33.26 -27.63 38.37
N LYS D 220 34.03 -27.10 39.32
CA LYS D 220 33.54 -26.85 40.67
C LYS D 220 33.49 -25.34 40.91
N VAL D 221 32.38 -24.87 41.47
CA VAL D 221 32.16 -23.45 41.73
C VAL D 221 32.45 -23.18 43.20
N GLU D 222 33.20 -22.11 43.46
CA GLU D 222 33.59 -21.72 44.81
C GLU D 222 33.34 -20.23 45.00
N PRO D 223 33.11 -19.79 46.25
CA PRO D 223 32.92 -18.36 46.52
C PRO D 223 34.21 -17.55 46.38
N ILE E 2 3.48 -10.91 -1.72
CA ILE E 2 2.73 -10.05 -0.84
C ILE E 2 3.22 -10.20 0.59
N GLN E 3 2.74 -9.35 1.49
CA GLN E 3 3.21 -9.31 2.86
C GLN E 3 2.04 -9.46 3.80
N MET E 4 2.30 -10.07 4.96
CA MET E 4 1.26 -10.46 5.91
C MET E 4 1.67 -10.04 7.30
N THR E 5 0.99 -9.04 7.85
CA THR E 5 1.32 -8.50 9.16
C THR E 5 0.38 -9.08 10.20
N GLN E 6 0.94 -9.52 11.32
CA GLN E 6 0.17 -10.17 12.37
C GLN E 6 0.42 -9.48 13.70
N SER E 7 -0.66 -9.15 14.39
CA SER E 7 -0.59 -8.46 15.68
C SER E 7 -1.69 -9.00 16.58
N PRO E 8 -1.48 -9.03 17.91
CA PRO E 8 -0.25 -8.64 18.61
C PRO E 8 0.82 -9.72 18.53
N SER E 9 2.10 -9.33 18.67
CA SER E 9 3.18 -10.30 18.55
C SER E 9 3.38 -11.11 19.83
N SER E 10 2.77 -10.70 20.93
CA SER E 10 2.83 -11.49 22.17
C SER E 10 1.72 -10.99 23.08
N LEU E 11 0.82 -11.88 23.47
CA LEU E 11 -0.30 -11.52 24.32
C LEU E 11 -0.42 -12.52 25.45
N SER E 12 -1.03 -12.07 26.55
CA SER E 12 -1.19 -12.87 27.74
C SER E 12 -2.67 -13.00 28.07
N ALA E 13 -3.09 -14.20 28.43
CA ALA E 13 -4.48 -14.44 28.80
C ALA E 13 -4.56 -15.67 29.68
N SER E 14 -5.37 -15.57 30.73
CA SER E 14 -5.53 -16.66 31.68
C SER E 14 -6.52 -17.69 31.17
N VAL E 15 -6.59 -18.83 31.86
CA VAL E 15 -7.50 -19.89 31.48
C VAL E 15 -8.93 -19.41 31.60
N GLY E 16 -9.73 -19.63 30.56
CA GLY E 16 -11.09 -19.16 30.52
C GLY E 16 -11.27 -17.80 29.90
N ASP E 17 -10.20 -17.15 29.47
CA ASP E 17 -10.28 -15.84 28.84
C ASP E 17 -10.47 -15.98 27.33
N ARG E 18 -10.82 -14.87 26.68
CA ARG E 18 -11.05 -14.83 25.25
C ARG E 18 -9.88 -14.11 24.59
N VAL E 19 -9.39 -14.68 23.49
CA VAL E 19 -8.21 -14.17 22.80
C VAL E 19 -8.56 -13.86 21.36
N THR E 20 -8.18 -12.68 20.89
CA THR E 20 -8.36 -12.27 19.51
C THR E 20 -7.01 -11.96 18.90
N ILE E 21 -6.72 -12.58 17.77
CA ILE E 21 -5.47 -12.38 17.04
C ILE E 21 -5.83 -11.85 15.67
N THR E 22 -5.22 -10.72 15.29
CA THR E 22 -5.57 -10.03 14.06
C THR E 22 -4.48 -10.19 13.02
N CYS E 23 -4.87 -10.53 11.80
CA CYS E 23 -3.95 -10.68 10.69
C CYS E 23 -4.49 -9.87 9.52
N ARG E 24 -3.65 -9.02 8.94
CA ARG E 24 -4.06 -8.12 7.87
C ARG E 24 -3.13 -8.28 6.68
N ALA E 25 -3.69 -8.71 5.56
CA ALA E 25 -2.91 -8.90 4.34
C ALA E 25 -2.54 -7.56 3.72
N SER E 26 -1.48 -7.57 2.91
CA SER E 26 -1.07 -6.35 2.22
C SER E 26 -2.06 -5.98 1.13
N GLN E 27 -2.45 -6.96 0.31
CA GLN E 27 -3.43 -6.76 -0.75
C GLN E 27 -4.52 -7.82 -0.62
N SER E 28 -5.53 -7.73 -1.48
CA SER E 28 -6.66 -8.64 -1.40
C SER E 28 -6.21 -10.06 -1.72
N VAL E 29 -6.60 -11.00 -0.86
CA VAL E 29 -6.28 -12.41 -1.04
C VAL E 29 -7.55 -13.27 -1.08
N SER E 30 -8.70 -12.62 -1.31
CA SER E 30 -10.01 -13.28 -1.29
C SER E 30 -10.17 -13.93 0.07
N SER E 31 -10.36 -15.24 0.17
CA SER E 31 -10.51 -15.92 1.45
C SER E 31 -9.45 -17.01 1.63
N ALA E 32 -8.23 -16.75 1.17
CA ALA E 32 -7.15 -17.71 1.26
C ALA E 32 -6.25 -17.35 2.44
N VAL E 33 -6.69 -17.77 3.63
CA VAL E 33 -5.92 -17.57 4.86
C VAL E 33 -6.07 -18.82 5.71
N ALA E 34 -4.96 -19.26 6.32
CA ALA E 34 -4.98 -20.40 7.21
C ALA E 34 -4.22 -20.06 8.48
N TRP E 35 -4.61 -20.69 9.58
CA TRP E 35 -4.02 -20.43 10.88
C TRP E 35 -3.43 -21.71 11.45
N TYR E 36 -2.18 -21.64 11.89
CA TYR E 36 -1.47 -22.80 12.41
C TYR E 36 -1.13 -22.59 13.87
N GLN E 37 -0.87 -23.70 14.57
CA GLN E 37 -0.55 -23.67 15.98
C GLN E 37 0.72 -24.49 16.20
N GLN E 38 1.85 -23.82 16.38
CA GLN E 38 3.12 -24.50 16.57
C GLN E 38 3.43 -24.56 18.06
N LYS E 39 3.31 -25.76 18.63
CA LYS E 39 3.84 -25.99 19.95
C LYS E 39 5.37 -25.91 19.90
N PRO E 40 6.01 -25.55 21.01
CA PRO E 40 7.47 -25.35 20.96
C PRO E 40 8.20 -26.65 20.62
N GLY E 41 8.89 -26.65 19.48
CA GLY E 41 9.70 -27.77 19.08
C GLY E 41 9.00 -28.84 18.26
N LYS E 42 7.85 -28.54 17.65
CA LYS E 42 7.11 -29.51 16.88
C LYS E 42 6.55 -28.85 15.63
N ALA E 43 6.12 -29.68 14.69
CA ALA E 43 5.60 -29.19 13.43
C ALA E 43 4.27 -28.47 13.63
N PRO E 44 4.01 -27.42 12.85
CA PRO E 44 2.72 -26.73 12.98
C PRO E 44 1.56 -27.61 12.57
N LYS E 45 0.40 -27.30 13.13
CA LYS E 45 -0.84 -28.01 12.84
C LYS E 45 -1.86 -27.03 12.29
N LEU E 46 -2.57 -27.43 11.26
CA LEU E 46 -3.60 -26.58 10.65
C LEU E 46 -4.80 -26.47 11.58
N LEU E 47 -5.34 -25.27 11.71
CA LEU E 47 -6.52 -25.03 12.53
C LEU E 47 -7.70 -24.50 11.71
N ILE E 48 -7.49 -23.44 10.95
CA ILE E 48 -8.53 -22.82 10.14
C ILE E 48 -8.03 -22.80 8.70
N TYR E 49 -8.91 -23.17 7.77
CA TYR E 49 -8.59 -23.07 6.36
C TYR E 49 -9.72 -22.34 5.64
N SER E 50 -9.39 -21.72 4.51
CA SER E 50 -10.31 -20.85 3.79
C SER E 50 -10.75 -19.66 4.63
N ALA E 51 -10.02 -19.37 5.70
CA ALA E 51 -10.14 -18.21 6.57
C ALA E 51 -11.36 -18.24 7.47
N SER E 52 -12.31 -19.16 7.26
CA SER E 52 -13.47 -19.22 8.14
C SER E 52 -13.89 -20.62 8.53
N SER E 53 -13.43 -21.66 7.84
CA SER E 53 -13.87 -23.02 8.11
C SER E 53 -12.96 -23.67 9.15
N LEU E 54 -13.53 -24.56 9.94
CA LEU E 54 -12.81 -25.24 11.01
C LEU E 54 -12.30 -26.57 10.49
N TYR E 55 -11.00 -26.78 10.57
CA TYR E 55 -10.41 -28.04 10.12
C TYR E 55 -10.87 -29.17 11.03
N SER E 56 -11.29 -30.28 10.42
CA SER E 56 -11.84 -31.39 11.18
C SER E 56 -10.76 -32.04 12.03
N GLY E 57 -11.03 -32.19 13.33
CA GLY E 57 -10.09 -32.78 14.25
C GLY E 57 -9.57 -31.83 15.32
N VAL E 58 -9.95 -30.56 15.28
CA VAL E 58 -9.53 -29.60 16.30
C VAL E 58 -10.74 -29.23 17.13
N PRO E 59 -10.55 -28.81 18.38
CA PRO E 59 -11.70 -28.42 19.20
C PRO E 59 -12.47 -27.26 18.57
N SER E 60 -13.76 -27.20 18.85
CA SER E 60 -14.64 -26.24 18.20
C SER E 60 -14.46 -24.82 18.69
N ARG E 61 -13.66 -24.59 19.73
CA ARG E 61 -13.53 -23.24 20.27
C ARG E 61 -12.84 -22.29 19.30
N PHE E 62 -11.93 -22.78 18.47
CA PHE E 62 -11.27 -21.94 17.48
C PHE E 62 -12.28 -21.48 16.43
N SER E 63 -12.16 -20.22 16.02
CA SER E 63 -13.05 -19.68 15.00
C SER E 63 -12.29 -18.64 14.18
N GLY E 64 -12.71 -18.48 12.93
CA GLY E 64 -12.08 -17.54 12.04
C GLY E 64 -13.09 -16.55 11.49
N SER E 65 -12.56 -15.46 10.92
CA SER E 65 -13.42 -14.41 10.38
C SER E 65 -12.65 -13.69 9.28
N ARG E 66 -13.39 -12.93 8.48
CA ARG E 66 -12.80 -12.11 7.45
C ARG E 66 -13.62 -10.84 7.27
N SER E 67 -12.92 -9.71 7.19
CA SER E 67 -13.54 -8.40 6.94
C SER E 67 -12.72 -7.73 5.84
N GLY E 68 -13.11 -7.94 4.59
CA GLY E 68 -12.35 -7.43 3.47
C GLY E 68 -11.01 -8.10 3.35
N THR E 69 -9.95 -7.38 3.70
CA THR E 69 -8.59 -7.93 3.71
C THR E 69 -8.05 -8.11 5.12
N ASP E 70 -8.90 -7.99 6.14
CA ASP E 70 -8.50 -8.13 7.53
C ASP E 70 -9.10 -9.42 8.09
N PHE E 71 -8.25 -10.27 8.67
CA PHE E 71 -8.66 -11.57 9.16
C PHE E 71 -8.44 -11.65 10.66
N THR E 72 -9.09 -12.63 11.29
CA THR E 72 -9.10 -12.73 12.75
C THR E 72 -9.27 -14.17 13.18
N LEU E 73 -8.44 -14.61 14.12
CA LEU E 73 -8.59 -15.92 14.76
C LEU E 73 -9.00 -15.69 16.21
N THR E 74 -10.15 -16.21 16.60
CA THR E 74 -10.72 -15.97 17.92
C THR E 74 -10.87 -17.29 18.66
N ILE E 75 -10.34 -17.35 19.87
CA ILE E 75 -10.46 -18.52 20.73
C ILE E 75 -11.53 -18.23 21.77
N SER E 76 -12.58 -19.04 21.78
CA SER E 76 -13.72 -18.76 22.64
C SER E 76 -13.35 -18.83 24.12
N SER E 77 -12.57 -19.85 24.50
CA SER E 77 -12.19 -20.01 25.90
C SER E 77 -10.88 -20.79 25.94
N LEU E 78 -9.81 -20.14 26.39
CA LEU E 78 -8.51 -20.78 26.45
C LEU E 78 -8.51 -21.96 27.41
N GLN E 79 -7.59 -22.88 27.17
CA GLN E 79 -7.33 -24.02 28.04
C GLN E 79 -5.83 -24.24 28.08
N PRO E 80 -5.33 -24.91 29.11
CA PRO E 80 -3.87 -25.06 29.25
C PRO E 80 -3.19 -25.81 28.12
N GLU E 81 -3.96 -26.24 27.12
CA GLU E 81 -3.41 -26.89 25.94
C GLU E 81 -3.37 -25.97 24.72
N ASP E 82 -3.70 -24.68 24.89
CA ASP E 82 -3.76 -23.73 23.79
C ASP E 82 -2.73 -22.63 23.93
N PHE E 83 -1.61 -22.91 24.62
CA PHE E 83 -0.55 -21.93 24.84
C PHE E 83 0.61 -22.27 23.91
N ALA E 84 0.59 -21.70 22.72
CA ALA E 84 1.65 -21.94 21.73
C ALA E 84 1.61 -20.80 20.73
N THR E 85 2.46 -20.88 19.71
CA THR E 85 2.62 -19.83 18.72
C THR E 85 1.63 -20.05 17.58
N TYR E 86 0.89 -19.02 17.22
CA TYR E 86 -0.11 -19.09 16.16
C TYR E 86 0.35 -18.27 14.97
N TYR E 87 0.42 -18.89 13.81
CA TYR E 87 0.90 -18.25 12.59
C TYR E 87 -0.24 -18.06 11.60
N CYS E 88 -0.18 -16.96 10.86
CA CYS E 88 -1.18 -16.62 9.86
C CYS E 88 -0.55 -16.80 8.48
N GLN E 89 -1.15 -17.66 7.68
CA GLN E 89 -0.65 -17.94 6.34
C GLN E 89 -1.68 -17.51 5.30
N GLN E 90 -1.20 -17.00 4.18
CA GLN E 90 -2.00 -16.86 2.98
C GLN E 90 -1.45 -17.82 1.94
N TYR E 91 -2.33 -18.38 1.13
CA TYR E 91 -1.92 -19.37 0.14
C TYR E 91 -2.55 -19.08 -1.21
N LEU E 92 -2.43 -17.82 -1.64
CA LEU E 92 -3.11 -17.38 -2.87
C LEU E 92 -2.69 -18.21 -4.07
N TYR E 93 -1.41 -18.60 -4.15
CA TYR E 93 -0.93 -19.43 -5.24
C TYR E 93 0.24 -20.25 -4.73
N TYR E 94 0.56 -21.32 -5.44
CA TYR E 94 1.60 -22.24 -4.99
C TYR E 94 2.92 -21.53 -4.74
N SER E 95 3.20 -20.45 -5.46
CA SER E 95 4.48 -19.77 -5.38
C SER E 95 4.40 -18.40 -4.70
N LEU E 96 3.31 -18.10 -4.02
CA LEU E 96 3.14 -16.81 -3.35
C LEU E 96 2.73 -17.00 -1.90
N VAL E 97 3.31 -17.98 -1.23
CA VAL E 97 2.94 -18.30 0.14
C VAL E 97 3.85 -17.54 1.09
N THR E 98 3.24 -16.72 1.95
CA THR E 98 3.98 -15.95 2.96
C THR E 98 3.29 -16.11 4.30
N PHE E 99 4.07 -16.43 5.32
CA PHE E 99 3.53 -16.64 6.67
C PHE E 99 3.60 -15.34 7.46
N GLY E 100 2.78 -15.28 8.50
CA GLY E 100 2.79 -14.14 9.39
C GLY E 100 3.99 -14.16 10.33
N GLN E 101 4.16 -13.06 11.04
CA GLN E 101 5.31 -12.94 11.95
C GLN E 101 5.23 -13.97 13.07
N GLY E 102 4.06 -14.14 13.67
CA GLY E 102 3.90 -15.10 14.72
C GLY E 102 3.44 -14.51 16.04
N THR E 103 2.31 -14.99 16.55
CA THR E 103 1.76 -14.55 17.83
C THR E 103 1.96 -15.65 18.87
N LYS E 104 2.50 -15.28 20.02
CA LYS E 104 2.74 -16.22 21.11
C LYS E 104 1.81 -15.91 22.26
N VAL E 105 1.15 -16.93 22.79
CA VAL E 105 0.22 -16.79 23.89
C VAL E 105 0.89 -17.26 25.17
N GLU E 106 0.82 -16.44 26.22
CA GLU E 106 1.52 -16.70 27.47
C GLU E 106 0.54 -16.67 28.65
N ILE E 107 0.90 -17.39 29.71
CA ILE E 107 0.08 -17.39 30.91
C ILE E 107 0.18 -16.05 31.60
N LYS E 108 -0.93 -15.60 32.18
CA LYS E 108 -0.98 -14.31 32.88
C LYS E 108 -1.01 -14.55 34.37
N ARG E 109 -0.19 -13.80 35.10
CA ARG E 109 -0.18 -13.86 36.56
C ARG E 109 0.14 -12.48 37.11
N THR E 110 0.07 -12.37 38.42
CA THR E 110 0.32 -11.09 39.09
C THR E 110 1.79 -10.70 38.97
N VAL E 111 2.05 -9.39 39.00
CA VAL E 111 3.39 -8.87 38.77
C VAL E 111 4.30 -9.29 39.92
N ALA E 112 5.49 -9.79 39.57
CA ALA E 112 6.51 -10.17 40.52
C ALA E 112 7.81 -9.46 40.20
N ALA E 113 8.42 -8.86 41.22
CA ALA E 113 9.63 -8.08 41.04
C ALA E 113 10.84 -9.00 40.87
N PRO E 114 11.83 -8.59 40.08
CA PRO E 114 13.03 -9.41 39.90
C PRO E 114 14.05 -9.19 41.00
N SER E 115 14.80 -10.26 41.28
CA SER E 115 15.95 -10.19 42.18
C SER E 115 17.21 -10.28 41.33
N VAL E 116 18.01 -9.23 41.36
CA VAL E 116 19.11 -9.05 40.41
C VAL E 116 20.43 -9.36 41.09
N PHE E 117 21.25 -10.19 40.44
CA PHE E 117 22.59 -10.53 40.91
C PHE E 117 23.61 -10.09 39.87
N ILE E 118 24.85 -9.92 40.32
CA ILE E 118 25.97 -9.58 39.46
C ILE E 118 27.14 -10.50 39.79
N PHE E 119 27.72 -11.10 38.75
CA PHE E 119 28.76 -12.11 38.92
C PHE E 119 30.06 -11.64 38.28
N PRO E 120 31.09 -11.33 39.07
CA PRO E 120 32.36 -10.92 38.47
C PRO E 120 33.00 -12.08 37.73
N PRO E 121 33.80 -11.80 36.70
CA PRO E 121 34.43 -12.89 35.95
C PRO E 121 35.37 -13.68 36.83
N SER E 122 35.42 -14.99 36.60
CA SER E 122 36.30 -15.85 37.38
C SER E 122 37.74 -15.68 36.95
N ASP E 123 38.65 -15.97 37.89
CA ASP E 123 40.08 -15.86 37.59
C ASP E 123 40.50 -16.86 36.53
N GLU E 124 39.84 -18.01 36.45
CA GLU E 124 40.17 -18.99 35.42
C GLU E 124 39.89 -18.44 34.04
N GLN E 125 38.81 -17.67 33.89
CA GLN E 125 38.44 -17.15 32.58
C GLN E 125 39.44 -16.09 32.10
N LEU E 126 39.97 -15.28 33.03
CA LEU E 126 40.88 -14.22 32.64
C LEU E 126 42.19 -14.74 32.06
N LYS E 127 42.53 -16.00 32.34
CA LYS E 127 43.74 -16.58 31.76
C LYS E 127 43.63 -16.65 30.24
N SER E 128 42.45 -17.03 29.72
CA SER E 128 42.28 -17.16 28.28
C SER E 128 42.44 -15.81 27.59
N GLY E 129 41.83 -14.76 28.13
CA GLY E 129 41.96 -13.44 27.53
C GLY E 129 40.64 -12.71 27.34
N THR E 130 39.54 -13.31 27.77
CA THR E 130 38.23 -12.68 27.67
C THR E 130 37.56 -12.69 29.04
N ALA E 131 36.92 -11.58 29.39
CA ALA E 131 36.20 -11.43 30.64
C ALA E 131 34.73 -11.20 30.35
N SER E 132 33.86 -11.91 31.05
CA SER E 132 32.42 -11.85 30.82
C SER E 132 31.70 -11.75 32.15
N VAL E 133 31.27 -10.56 32.51
CA VAL E 133 30.44 -10.35 33.68
C VAL E 133 29.01 -10.75 33.33
N VAL E 134 28.25 -11.17 34.33
CA VAL E 134 26.91 -11.71 34.12
C VAL E 134 25.94 -11.05 35.09
N CYS E 135 24.89 -10.44 34.55
CA CYS E 135 23.79 -9.91 35.35
C CYS E 135 22.65 -10.91 35.29
N LEU E 136 22.13 -11.28 36.46
CA LEU E 136 21.16 -12.37 36.58
C LEU E 136 19.87 -11.85 37.19
N LEU E 137 18.74 -12.25 36.61
CA LEU E 137 17.42 -11.91 37.13
C LEU E 137 16.63 -13.20 37.30
N ASN E 138 15.99 -13.36 38.45
CA ASN E 138 15.29 -14.60 38.75
C ASN E 138 13.83 -14.31 39.11
N ASN E 139 12.92 -15.07 38.50
CA ASN E 139 11.52 -15.14 38.90
C ASN E 139 10.86 -13.77 38.86
N PHE E 140 10.76 -13.23 37.64
CA PHE E 140 10.09 -11.97 37.42
C PHE E 140 9.04 -12.11 36.33
N TYR E 141 8.08 -11.19 36.33
CA TYR E 141 7.02 -11.16 35.34
C TYR E 141 6.50 -9.73 35.29
N PRO E 142 6.21 -9.17 34.10
CA PRO E 142 6.30 -9.73 32.76
C PRO E 142 7.74 -9.84 32.24
N ARG E 143 7.88 -10.31 31.00
CA ARG E 143 9.21 -10.59 30.47
C ARG E 143 10.05 -9.34 30.27
N GLU E 144 9.43 -8.23 29.89
CA GLU E 144 10.17 -7.04 29.52
C GLU E 144 10.92 -6.48 30.73
N ALA E 145 12.25 -6.44 30.63
CA ALA E 145 13.08 -5.90 31.69
C ALA E 145 14.37 -5.41 31.05
N LYS E 146 14.47 -4.10 30.85
CA LYS E 146 15.62 -3.51 30.18
C LYS E 146 16.78 -3.43 31.14
N VAL E 147 17.85 -4.16 30.86
CA VAL E 147 19.06 -4.18 31.69
C VAL E 147 20.15 -3.44 30.94
N GLN E 148 20.64 -2.35 31.53
CA GLN E 148 21.65 -1.50 30.92
C GLN E 148 22.94 -1.57 31.73
N TRP E 149 24.05 -1.70 31.04
CA TRP E 149 25.36 -1.81 31.67
C TRP E 149 26.04 -0.45 31.71
N LYS E 150 26.53 -0.09 32.89
CA LYS E 150 27.29 1.15 33.06
C LYS E 150 28.69 0.80 33.54
N VAL E 151 29.70 1.26 32.81
CA VAL E 151 31.09 1.06 33.17
C VAL E 151 31.71 2.43 33.37
N ASP E 152 32.17 2.70 34.60
CA ASP E 152 32.61 4.04 34.99
C ASP E 152 31.51 5.07 34.72
N ASN E 153 30.27 4.67 34.97
CA ASN E 153 29.08 5.50 34.74
C ASN E 153 28.96 5.92 33.28
N ALA E 154 29.52 5.11 32.37
CA ALA E 154 29.39 5.33 30.94
C ALA E 154 28.61 4.16 30.35
N LEU E 155 27.52 4.48 29.65
CA LEU E 155 26.65 3.43 29.13
C LEU E 155 27.35 2.62 28.06
N GLN E 156 27.20 1.30 28.13
CA GLN E 156 27.83 0.37 27.22
C GLN E 156 26.80 -0.17 26.23
N SER E 157 27.17 -0.20 24.95
CA SER E 157 26.27 -0.65 23.91
C SER E 157 27.03 -1.52 22.92
N GLY E 158 26.39 -2.60 22.46
CA GLY E 158 26.92 -3.43 21.41
C GLY E 158 27.66 -4.67 21.87
N ASN E 159 27.97 -4.79 23.16
CA ASN E 159 28.70 -5.93 23.70
C ASN E 159 27.95 -6.58 24.86
N SER E 160 26.66 -6.79 24.68
CA SER E 160 25.84 -7.46 25.69
C SER E 160 24.85 -8.39 25.00
N GLN E 161 24.78 -9.63 25.48
CA GLN E 161 23.86 -10.63 24.97
C GLN E 161 22.85 -10.99 26.05
N GLU E 162 21.58 -11.04 25.69
CA GLU E 162 20.50 -11.34 26.62
C GLU E 162 19.80 -12.63 26.20
N SER E 163 19.57 -13.52 27.15
CA SER E 163 18.86 -14.76 26.92
C SER E 163 17.81 -14.93 28.00
N VAL E 164 16.57 -15.18 27.60
CA VAL E 164 15.44 -15.28 28.51
C VAL E 164 14.91 -16.71 28.48
N THR E 165 14.76 -17.31 29.65
CA THR E 165 14.19 -18.65 29.72
C THR E 165 12.69 -18.60 29.43
N GLU E 166 12.11 -19.77 29.21
CA GLU E 166 10.68 -19.86 28.98
C GLU E 166 9.92 -19.80 30.31
N GLN E 167 8.59 -19.78 30.20
CA GLN E 167 7.76 -19.79 31.39
C GLN E 167 8.00 -21.06 32.19
N ASP E 168 8.01 -20.92 33.52
CA ASP E 168 8.18 -22.08 34.38
C ASP E 168 6.87 -22.87 34.44
N SER E 169 6.98 -24.11 34.92
CA SER E 169 5.85 -25.02 34.95
C SER E 169 5.05 -24.95 36.25
N LYS E 170 5.53 -24.21 37.26
CA LYS E 170 4.88 -24.18 38.56
C LYS E 170 4.40 -22.79 38.95
N ASP E 171 5.25 -21.77 38.79
CA ASP E 171 4.88 -20.40 39.14
C ASP E 171 4.78 -19.47 37.94
N SER E 172 5.21 -19.91 36.76
CA SER E 172 5.06 -19.15 35.52
C SER E 172 5.81 -17.81 35.58
N THR E 173 7.11 -17.88 35.87
CA THR E 173 7.96 -16.71 35.94
C THR E 173 9.18 -16.88 35.04
N TYR E 174 9.61 -15.79 34.42
CA TYR E 174 10.75 -15.81 33.52
C TYR E 174 12.05 -15.76 34.31
N SER E 175 13.16 -15.66 33.59
CA SER E 175 14.48 -15.43 34.19
C SER E 175 15.42 -14.98 33.09
N LEU E 176 16.00 -13.79 33.25
CA LEU E 176 16.84 -13.18 32.22
C LEU E 176 18.29 -13.18 32.69
N SER E 177 19.21 -13.32 31.73
CA SER E 177 20.64 -13.32 32.01
C SER E 177 21.34 -12.49 30.96
N SER E 178 21.83 -11.31 31.35
CA SER E 178 22.54 -10.41 30.44
C SER E 178 24.04 -10.58 30.66
N THR E 179 24.74 -10.96 29.59
CA THR E 179 26.18 -11.21 29.65
C THR E 179 26.90 -10.10 28.90
N LEU E 180 27.81 -9.41 29.58
CA LEU E 180 28.62 -8.36 28.96
C LEU E 180 30.01 -8.91 28.72
N THR E 181 30.44 -8.89 27.47
CA THR E 181 31.71 -9.47 27.06
C THR E 181 32.71 -8.36 26.76
N LEU E 182 33.86 -8.41 27.42
CA LEU E 182 34.95 -7.47 27.20
C LEU E 182 36.25 -8.23 27.07
N SER E 183 37.14 -7.70 26.22
CA SER E 183 38.48 -8.25 26.15
C SER E 183 39.25 -7.97 27.44
N LYS E 184 40.26 -8.80 27.70
CA LYS E 184 41.00 -8.67 28.95
C LYS E 184 41.67 -7.30 29.06
N ALA E 185 42.16 -6.78 27.94
CA ALA E 185 42.78 -5.46 27.96
C ALA E 185 41.77 -4.38 28.32
N ASP E 186 40.55 -4.45 27.76
CA ASP E 186 39.55 -3.44 28.06
C ASP E 186 38.99 -3.58 29.47
N TYR E 187 38.91 -4.81 29.97
CA TYR E 187 38.37 -5.03 31.31
C TYR E 187 39.27 -4.38 32.36
N GLU E 188 40.59 -4.48 32.19
CA GLU E 188 41.51 -3.97 33.20
C GLU E 188 41.55 -2.45 33.26
N LYS E 189 41.18 -1.76 32.17
CA LYS E 189 41.29 -0.30 32.15
C LYS E 189 40.35 0.34 33.18
N HIS E 190 39.13 -0.15 33.27
CA HIS E 190 38.14 0.43 34.17
C HIS E 190 38.16 -0.28 35.52
N LYS E 191 37.36 0.23 36.46
CA LYS E 191 37.38 -0.30 37.82
C LYS E 191 36.00 -0.55 38.42
N VAL E 192 34.93 0.07 37.92
CA VAL E 192 33.60 -0.10 38.49
C VAL E 192 32.63 -0.55 37.40
N TYR E 193 31.88 -1.60 37.70
CA TYR E 193 30.89 -2.14 36.78
C TYR E 193 29.55 -2.26 37.49
N ALA E 194 28.47 -2.12 36.73
CA ALA E 194 27.14 -2.20 37.31
C ALA E 194 26.12 -2.47 36.22
N CYS E 195 25.10 -3.24 36.56
CA CYS E 195 23.95 -3.45 35.70
C CYS E 195 22.69 -2.97 36.40
N GLU E 196 21.93 -2.12 35.72
CA GLU E 196 20.68 -1.61 36.26
C GLU E 196 19.50 -2.36 35.65
N VAL E 197 18.46 -2.57 36.45
CA VAL E 197 17.26 -3.26 36.01
C VAL E 197 16.08 -2.32 36.19
N THR E 198 15.34 -2.09 35.12
CA THR E 198 14.15 -1.25 35.14
C THR E 198 12.95 -2.15 34.85
N HIS E 199 12.17 -2.46 35.88
CA HIS E 199 11.06 -3.39 35.77
C HIS E 199 9.84 -2.83 36.49
N GLN E 200 8.67 -3.32 36.09
CA GLN E 200 7.43 -2.85 36.70
C GLN E 200 7.38 -3.19 38.18
N GLY E 201 7.81 -4.39 38.54
CA GLY E 201 7.81 -4.80 39.94
C GLY E 201 8.74 -4.00 40.82
N LEU E 202 9.64 -3.23 40.25
CA LEU E 202 10.55 -2.36 40.99
C LEU E 202 10.04 -0.92 40.90
N SER E 203 9.84 -0.30 42.07
CA SER E 203 9.42 1.10 42.07
C SER E 203 10.50 1.99 41.46
N SER E 204 11.75 1.73 41.78
CA SER E 204 12.89 2.45 41.24
C SER E 204 13.93 1.46 40.73
N PRO E 205 14.70 1.84 39.72
CA PRO E 205 15.74 0.93 39.21
C PRO E 205 16.73 0.56 40.30
N VAL E 206 17.16 -0.70 40.29
CA VAL E 206 18.11 -1.22 41.26
C VAL E 206 19.38 -1.61 40.52
N THR E 207 20.52 -1.14 41.01
CA THR E 207 21.82 -1.41 40.41
C THR E 207 22.64 -2.24 41.38
N LYS E 208 23.09 -3.40 40.94
CA LYS E 208 24.03 -4.22 41.70
C LYS E 208 25.40 -4.08 41.06
N SER E 209 26.38 -3.66 41.85
CA SER E 209 27.68 -3.28 41.32
C SER E 209 28.80 -3.97 42.07
N PHE E 210 29.91 -4.19 41.37
CA PHE E 210 31.15 -4.68 41.94
C PHE E 210 32.30 -3.89 41.36
N ASN E 211 33.36 -3.72 42.14
CA ASN E 211 34.54 -2.97 41.70
C ASN E 211 35.79 -3.80 41.90
N ARG E 212 36.55 -3.98 40.84
CA ARG E 212 37.80 -4.74 40.90
C ARG E 212 38.64 -4.51 39.65
N HIS F 4 -26.23 17.39 -28.25
CA HIS F 4 -25.73 18.50 -29.05
C HIS F 4 -25.88 19.83 -28.31
N LEU F 5 -26.83 19.87 -27.37
CA LEU F 5 -27.06 21.10 -26.62
C LEU F 5 -25.88 21.44 -25.72
N LEU F 6 -25.36 20.45 -24.99
CA LEU F 6 -24.25 20.72 -24.07
C LEU F 6 -22.99 21.20 -24.78
N PRO F 7 -22.50 20.56 -25.85
CA PRO F 7 -21.30 21.10 -26.52
C PRO F 7 -21.52 22.49 -27.10
N ARG F 8 -22.73 22.80 -27.58
CA ARG F 8 -23.01 24.14 -28.07
C ARG F 8 -22.99 25.15 -26.94
N PHE F 9 -23.55 24.79 -25.78
CA PHE F 9 -23.51 25.69 -24.63
C PHE F 9 -22.10 25.82 -24.07
N LEU F 10 -21.32 24.74 -24.10
CA LEU F 10 -19.96 24.78 -23.58
C LEU F 10 -19.09 25.73 -24.37
N LEU F 11 -19.32 25.86 -25.68
CA LEU F 11 -18.53 26.78 -26.50
C LEU F 11 -18.74 28.21 -26.05
N ALA F 12 -19.98 28.61 -25.77
CA ALA F 12 -20.24 29.96 -25.32
C ALA F 12 -19.64 30.22 -23.95
N LEU F 13 -19.67 29.22 -23.07
CA LEU F 13 -19.15 29.40 -21.72
C LEU F 13 -17.63 29.53 -21.72
N LEU F 14 -16.94 28.66 -22.45
CA LEU F 14 -15.49 28.69 -22.47
C LEU F 14 -14.98 29.92 -23.23
N LEU F 15 -15.67 30.33 -24.28
CA LEU F 15 -15.27 31.54 -25.00
C LEU F 15 -15.37 32.77 -24.09
N ALA F 16 -16.43 32.84 -23.28
CA ALA F 16 -16.58 33.97 -22.36
C ALA F 16 -15.45 33.99 -21.33
N LEU F 17 -15.07 32.81 -20.81
CA LEU F 17 -13.98 32.75 -19.85
C LEU F 17 -12.67 33.21 -20.47
N GLY F 18 -12.43 32.85 -21.74
CA GLY F 18 -11.22 33.29 -22.40
C GLY F 18 -11.14 34.79 -22.57
N LEU F 19 -12.26 35.41 -22.96
CA LEU F 19 -12.26 36.87 -23.13
C LEU F 19 -12.14 37.59 -21.79
N ALA F 20 -12.73 37.02 -20.74
CA ALA F 20 -12.64 37.63 -19.41
C ALA F 20 -11.20 37.70 -18.95
N LEU F 21 -10.41 36.65 -19.19
CA LEU F 21 -9.00 36.67 -18.83
C LEU F 21 -8.24 37.72 -19.64
N ALA F 22 -8.73 38.04 -20.84
CA ALA F 22 -8.03 38.99 -21.69
C ALA F 22 -8.13 40.41 -21.15
N ALA F 23 -9.32 40.82 -20.71
CA ALA F 23 -9.49 42.17 -20.20
C ALA F 23 -8.73 42.39 -18.90
N LEU F 24 -8.61 41.35 -18.08
CA LEU F 24 -7.90 41.45 -16.81
C LEU F 24 -6.40 41.31 -16.94
N THR F 25 -5.89 41.03 -18.15
CA THR F 25 -4.46 40.85 -18.35
C THR F 25 -3.91 41.74 -19.46
N ARG F 26 -4.68 42.72 -19.94
CA ARG F 26 -4.16 43.65 -20.92
C ARG F 26 -3.01 44.44 -20.32
N PRO F 27 -1.92 44.63 -21.07
CA PRO F 27 -0.79 45.41 -20.53
C PRO F 27 -1.22 46.82 -20.14
N LEU F 28 -0.69 47.30 -19.02
CA LEU F 28 -1.07 48.60 -18.50
C LEU F 28 -0.52 49.75 -19.34
N ALA F 29 0.51 49.50 -20.13
CA ALA F 29 1.08 50.55 -20.97
C ALA F 29 0.16 50.85 -22.15
N PRO F 30 -0.29 52.09 -22.33
CA PRO F 30 -1.16 52.40 -23.47
C PRO F 30 -0.40 52.26 -24.79
N GLY F 31 -1.15 51.89 -25.82
CA GLY F 31 -0.57 51.69 -27.13
C GLY F 31 0.35 50.49 -27.19
N PHE F 32 -0.21 49.30 -26.99
CA PHE F 32 0.57 48.07 -26.95
C PHE F 32 0.52 47.38 -28.30
N ALA F 33 1.69 47.03 -28.82
CA ALA F 33 1.80 46.33 -30.10
C ALA F 33 1.58 44.84 -29.90
N LEU F 34 0.71 44.25 -30.71
CA LEU F 34 0.39 42.83 -30.62
C LEU F 34 1.21 42.03 -31.61
N SER F 35 1.46 40.78 -31.25
CA SER F 35 2.24 39.85 -32.09
C SER F 35 1.37 38.61 -32.31
N PHE F 36 0.66 38.59 -33.45
CA PHE F 36 -0.20 37.46 -33.77
C PHE F 36 0.59 36.19 -34.05
N SER F 37 1.90 36.31 -34.32
CA SER F 37 2.70 35.13 -34.59
C SER F 37 2.77 34.24 -33.36
N PRO F 38 2.60 32.93 -33.52
CA PRO F 38 2.62 32.01 -32.36
C PRO F 38 4.04 31.55 -32.03
N LEU F 39 4.86 32.49 -31.58
CA LEU F 39 6.24 32.22 -31.19
C LEU F 39 6.32 32.12 -29.67
N THR F 40 6.79 30.97 -29.18
CA THR F 40 6.92 30.75 -27.75
C THR F 40 8.30 31.21 -27.28
N ALA F 41 8.66 30.86 -26.05
CA ALA F 41 9.95 31.23 -25.49
C ALA F 41 10.94 30.07 -25.64
N PHE F 42 12.22 30.41 -25.50
CA PHE F 42 13.28 29.41 -25.61
C PHE F 42 13.15 28.41 -24.45
N PRO F 43 13.39 27.12 -24.70
CA PRO F 43 13.23 26.12 -23.64
C PRO F 43 14.15 26.35 -22.44
N LEU F 44 15.32 26.95 -22.66
CA LEU F 44 16.22 27.22 -21.54
C LEU F 44 15.60 28.23 -20.57
N HIS F 45 14.94 29.24 -21.09
CA HIS F 45 14.35 30.30 -20.27
C HIS F 45 12.96 29.96 -19.78
N LEU F 46 12.38 28.83 -20.19
CA LEU F 46 11.03 28.47 -19.78
C LEU F 46 10.92 28.22 -18.29
N GLY F 47 12.03 27.96 -17.61
CA GLY F 47 11.99 27.76 -16.17
C GLY F 47 11.51 28.98 -15.42
N HIS F 48 11.92 30.18 -15.87
CA HIS F 48 11.49 31.42 -15.26
C HIS F 48 10.48 32.18 -16.11
N ARG F 49 10.37 31.87 -17.40
CA ARG F 49 9.41 32.57 -18.25
C ARG F 49 7.98 32.31 -17.80
N LEU F 50 7.67 31.05 -17.47
CA LEU F 50 6.32 30.73 -16.98
C LEU F 50 6.04 31.43 -15.66
N GLY F 51 7.01 31.43 -14.75
CA GLY F 51 6.81 32.09 -13.47
C GLY F 51 6.66 33.59 -13.62
N GLN F 52 7.46 34.20 -14.50
CA GLN F 52 7.37 35.65 -14.70
C GLN F 52 6.02 36.05 -15.29
N ASN F 53 5.53 35.28 -16.27
CA ASN F 53 4.27 35.63 -16.91
C ASN F 53 3.07 35.31 -16.04
N LEU F 54 3.13 34.21 -15.28
CA LEU F 54 2.01 33.83 -14.42
C LEU F 54 1.79 34.85 -13.32
N ARG F 55 2.87 35.37 -12.74
CA ARG F 55 2.75 36.36 -11.67
C ARG F 55 2.08 37.63 -12.17
N ALA F 56 2.41 38.06 -13.40
CA ALA F 56 1.80 39.26 -13.95
C ALA F 56 0.30 39.10 -14.10
N ALA F 57 -0.14 37.94 -14.59
CA ALA F 57 -1.57 37.67 -14.69
C ALA F 57 -2.23 37.58 -13.31
N TRP F 58 -1.55 36.93 -12.36
CA TRP F 58 -2.11 36.79 -11.02
C TRP F 58 -2.13 38.13 -10.28
N SER F 59 -1.20 39.03 -10.60
CA SER F 59 -1.18 40.33 -9.93
C SER F 59 -2.43 41.14 -10.24
N ALA F 60 -2.87 41.13 -11.48
CA ALA F 60 -4.04 41.90 -11.90
C ALA F 60 -5.33 41.10 -11.85
N LEU F 61 -5.28 39.85 -11.40
CA LEU F 61 -6.48 39.00 -11.34
C LEU F 61 -7.24 39.21 -10.03
N SER F 62 -6.58 38.99 -8.90
CA SER F 62 -7.20 39.16 -7.60
C SER F 62 -7.13 40.61 -7.16
N ALA F 63 -7.99 40.96 -6.21
CA ALA F 63 -8.04 42.31 -5.68
C ALA F 63 -8.53 42.33 -4.23
N ALA G 2 0.63 10.99 -30.35
CA ALA G 2 -0.09 12.02 -29.60
C ALA G 2 0.88 13.00 -28.96
N LEU G 3 1.36 12.66 -27.76
CA LEU G 3 2.31 13.50 -27.05
C LEU G 3 3.64 13.60 -27.78
N VAL G 4 3.96 12.63 -28.64
CA VAL G 4 5.23 12.66 -29.35
C VAL G 4 5.30 13.88 -30.27
N TYR G 5 4.21 14.13 -31.01
CA TYR G 5 4.17 15.29 -31.90
C TYR G 5 4.18 16.59 -31.11
N LEU G 6 3.55 16.63 -29.94
CA LEU G 6 3.48 17.85 -29.15
C LEU G 6 4.88 18.29 -28.72
N VAL G 7 5.72 17.36 -28.30
CA VAL G 7 7.09 17.71 -27.90
C VAL G 7 7.86 18.25 -29.09
N LEU G 8 7.76 17.60 -30.24
CA LEU G 8 8.40 18.12 -31.45
C LEU G 8 7.78 19.44 -31.89
N LEU G 9 6.50 19.64 -31.58
CA LEU G 9 5.85 20.90 -31.94
C LEU G 9 6.48 22.08 -31.23
N LEU G 10 6.79 21.92 -29.94
CA LEU G 10 7.39 23.02 -29.18
C LEU G 10 8.78 23.35 -29.70
N PHE G 11 9.59 22.33 -29.99
CA PHE G 11 10.93 22.58 -30.52
C PHE G 11 10.87 23.26 -31.88
N LEU G 12 10.00 22.77 -32.76
CA LEU G 12 9.88 23.37 -34.09
C LEU G 12 9.35 24.81 -34.01
N SER G 13 8.36 25.04 -33.14
CA SER G 13 7.86 26.40 -32.97
C SER G 13 8.91 27.31 -32.35
N GLY G 14 9.69 26.78 -31.41
CA GLY G 14 10.74 27.59 -30.80
C GLY G 14 11.81 28.02 -31.79
N LEU G 15 12.20 27.12 -32.68
CA LEU G 15 13.21 27.46 -33.69
C LEU G 15 12.71 28.55 -34.61
N LEU G 16 11.44 28.49 -35.00
CA LEU G 16 10.87 29.51 -35.86
C LEU G 16 10.86 30.88 -35.17
N GLN G 17 10.53 30.90 -33.87
CA GLN G 17 10.50 32.16 -33.15
C GLN G 17 11.88 32.80 -33.07
N ALA G 18 12.91 31.99 -32.84
CA ALA G 18 14.26 32.52 -32.64
C ALA G 18 14.76 33.26 -33.87
N LEU G 19 14.57 32.67 -35.06
CA LEU G 19 15.04 33.26 -36.31
C LEU G 19 13.88 33.24 -37.31
N LEU G 20 13.06 34.30 -37.28
CA LEU G 20 11.96 34.42 -38.21
C LEU G 20 12.17 35.65 -39.09
N PRO G 21 12.10 35.52 -40.42
CA PRO G 21 12.23 36.69 -41.29
C PRO G 21 11.16 37.73 -41.00
N GLU G 22 11.58 38.92 -40.57
CA GLU G 22 10.65 39.96 -40.17
C GLU G 22 9.80 40.43 -41.36
N GLY G 23 8.53 40.71 -41.09
CA GLY G 23 7.62 41.10 -42.14
C GLY G 23 7.13 39.96 -42.99
N TRP G 24 7.29 38.72 -42.53
CA TRP G 24 6.89 37.54 -43.26
C TRP G 24 6.12 36.60 -42.32
N PRO G 25 5.17 35.84 -42.85
CA PRO G 25 4.33 35.00 -41.99
C PRO G 25 5.10 33.76 -41.53
N ALA G 26 4.43 32.96 -40.70
CA ALA G 26 5.00 31.75 -40.15
C ALA G 26 3.89 30.71 -40.06
N PRO G 27 4.22 29.42 -40.13
CA PRO G 27 3.18 28.38 -40.06
C PRO G 27 2.54 28.32 -38.68
N ASP G 28 1.21 28.22 -38.66
CA ASP G 28 0.48 28.06 -37.41
C ASP G 28 0.55 26.61 -36.96
N LEU G 29 1.63 26.24 -36.28
CA LEU G 29 1.85 24.84 -35.93
C LEU G 29 0.83 24.33 -34.94
N PHE G 30 0.18 25.22 -34.19
CA PHE G 30 -0.84 24.78 -33.24
C PHE G 30 -2.14 24.41 -33.95
N LEU G 31 -2.47 25.14 -35.02
CA LEU G 31 -3.70 24.84 -35.75
C LEU G 31 -3.63 23.44 -36.37
N VAL G 32 -2.48 23.08 -36.95
CA VAL G 32 -2.33 21.77 -37.56
C VAL G 32 -2.26 20.65 -36.55
N TYR G 33 -2.14 20.96 -35.26
CA TYR G 33 -2.12 19.95 -34.21
C TYR G 33 -3.50 19.74 -33.61
N ALA G 34 -4.22 20.83 -33.33
CA ALA G 34 -5.56 20.70 -32.79
C ALA G 34 -6.51 20.04 -33.79
N LEU G 35 -6.35 20.35 -35.08
CA LEU G 35 -7.19 19.75 -36.10
C LEU G 35 -6.99 18.23 -36.16
N TRP G 36 -5.74 17.78 -36.01
CA TRP G 36 -5.47 16.34 -36.03
C TRP G 36 -6.18 15.63 -34.88
N LEU G 37 -6.15 16.21 -33.69
CA LEU G 37 -6.79 15.58 -32.53
C LEU G 37 -8.30 15.67 -32.63
N ALA G 38 -8.83 16.77 -33.16
CA ALA G 38 -10.27 16.98 -33.22
C ALA G 38 -10.93 16.35 -34.43
N ALA G 39 -10.16 15.74 -35.34
CA ALA G 39 -10.74 15.15 -36.53
C ALA G 39 -11.30 13.75 -36.25
N SER G 40 -10.45 12.82 -35.84
CA SER G 40 -10.88 11.45 -35.61
C SER G 40 -11.66 11.29 -34.32
N ARG G 41 -11.34 12.09 -33.31
CA ARG G 41 -11.98 11.95 -32.01
C ARG G 41 -13.46 12.37 -32.07
N PRO G 42 -14.27 11.90 -31.12
CA PRO G 42 -15.68 12.25 -31.16
C PRO G 42 -15.87 13.75 -31.02
N PRO G 43 -16.97 14.29 -31.56
CA PRO G 43 -17.16 15.76 -31.52
C PRO G 43 -17.19 16.33 -30.12
N LEU G 44 -17.74 15.60 -29.15
CA LEU G 44 -17.73 16.09 -27.77
C LEU G 44 -16.30 16.23 -27.26
N LEU G 45 -15.45 15.24 -27.55
CA LEU G 45 -14.05 15.34 -27.16
C LEU G 45 -13.27 16.26 -28.08
N GLY G 46 -13.68 16.39 -29.35
CA GLY G 46 -12.95 17.22 -30.28
C GLY G 46 -12.93 18.67 -29.88
N LEU G 47 -14.08 19.21 -29.51
CA LEU G 47 -14.14 20.60 -29.07
C LEU G 47 -13.36 20.82 -27.78
N ALA G 48 -13.47 19.88 -26.84
CA ALA G 48 -12.77 20.03 -25.56
C ALA G 48 -11.27 19.97 -25.73
N LEU G 49 -10.77 19.08 -26.59
CA LEU G 49 -9.33 18.96 -26.80
C LEU G 49 -8.75 20.24 -27.38
N ALA G 50 -9.43 20.85 -28.35
CA ALA G 50 -8.92 22.07 -28.97
C ALA G 50 -8.83 23.20 -27.95
N PHE G 51 -9.84 23.32 -27.08
CA PHE G 51 -9.84 24.39 -26.10
C PHE G 51 -8.66 24.27 -25.15
N LEU G 52 -8.33 23.05 -24.71
CA LEU G 52 -7.17 22.84 -23.87
C LEU G 52 -5.88 23.21 -24.61
N VAL G 53 -5.79 22.84 -25.90
CA VAL G 53 -4.63 23.22 -26.69
C VAL G 53 -4.61 24.73 -26.89
N GLY G 54 -5.77 25.35 -27.03
CA GLY G 54 -5.81 26.80 -27.21
C GLY G 54 -5.28 27.55 -26.01
N LEU G 55 -5.60 27.09 -24.80
CA LEU G 55 -5.05 27.73 -23.61
C LEU G 55 -3.55 27.51 -23.49
N LEU G 56 -3.07 26.32 -23.88
CA LEU G 56 -1.65 26.03 -23.80
C LEU G 56 -0.84 26.98 -24.68
N GLN G 57 -1.35 27.29 -25.87
CA GLN G 57 -0.67 28.23 -26.74
C GLN G 57 -0.58 29.61 -26.11
N ASP G 58 -1.67 30.06 -25.47
CA ASP G 58 -1.67 31.39 -24.87
C ASP G 58 -0.81 31.44 -23.61
N LEU G 59 -0.78 30.35 -22.82
CA LEU G 59 0.08 30.33 -21.64
C LEU G 59 1.55 30.41 -22.01
N LEU G 60 1.92 29.84 -23.15
CA LEU G 60 3.30 29.85 -23.63
C LEU G 60 3.57 30.99 -24.61
N GLY G 61 2.61 31.87 -24.83
CA GLY G 61 2.77 32.94 -25.78
C GLY G 61 2.53 34.29 -25.15
N PHE G 62 3.06 35.33 -25.82
CA PHE G 62 2.94 36.70 -25.35
C PHE G 62 1.59 37.27 -25.79
N GLY G 63 0.54 36.79 -25.12
CA GLY G 63 -0.81 37.25 -25.42
C GLY G 63 -1.73 36.98 -24.26
N LEU G 64 -2.86 37.70 -24.28
CA LEU G 64 -3.88 37.50 -23.26
C LEU G 64 -4.51 36.12 -23.39
N LEU G 65 -4.83 35.51 -22.25
CA LEU G 65 -5.44 34.19 -22.26
C LEU G 65 -6.79 34.25 -22.95
N GLY G 66 -7.08 33.24 -23.77
CA GLY G 66 -8.32 33.13 -24.49
C GLY G 66 -8.31 33.74 -25.87
N LEU G 67 -7.27 34.50 -26.22
CA LEU G 67 -7.20 35.08 -27.56
C LEU G 67 -7.07 33.98 -28.61
N HIS G 68 -6.25 32.97 -28.34
CA HIS G 68 -6.11 31.84 -29.25
C HIS G 68 -7.00 30.67 -28.88
N ALA G 69 -7.36 30.56 -27.59
CA ALA G 69 -8.22 29.46 -27.16
C ALA G 69 -9.59 29.53 -27.82
N VAL G 70 -10.15 30.73 -27.93
CA VAL G 70 -11.42 30.88 -28.63
C VAL G 70 -11.24 30.64 -30.12
N GLY G 71 -10.10 31.06 -30.67
CA GLY G 71 -9.86 30.87 -32.09
C GLY G 71 -9.76 29.40 -32.46
N LEU G 72 -9.03 28.62 -31.67
CA LEU G 72 -8.86 27.20 -31.98
C LEU G 72 -10.13 26.42 -31.71
N LEU G 73 -10.93 26.82 -30.73
CA LEU G 73 -12.19 26.14 -30.47
C LEU G 73 -13.13 26.26 -31.66
N LEU G 74 -13.21 27.47 -32.26
CA LEU G 74 -13.99 27.63 -33.47
C LEU G 74 -13.35 26.91 -34.65
N ALA G 75 -12.01 26.85 -34.68
CA ALA G 75 -11.33 26.14 -35.76
C ALA G 75 -11.68 24.67 -35.76
N ALA G 76 -11.67 24.04 -34.58
CA ALA G 76 -12.04 22.63 -34.50
C ALA G 76 -13.51 22.43 -34.84
N TYR G 77 -14.38 23.34 -34.37
CA TYR G 77 -15.80 23.22 -34.70
C TYR G 77 -16.04 23.44 -36.19
N ALA G 78 -15.35 24.41 -36.79
CA ALA G 78 -15.54 24.66 -38.22
C ALA G 78 -15.09 23.46 -39.04
N TYR G 79 -13.97 22.85 -38.67
CA TYR G 79 -13.50 21.67 -39.40
C TYR G 79 -14.49 20.52 -39.28
N ALA G 94 -11.22 17.36 -47.34
CA ALA G 94 -10.28 17.75 -46.30
C ALA G 94 -9.64 19.09 -46.61
N LEU G 95 -9.31 19.33 -47.88
CA LEU G 95 -8.78 20.64 -48.26
C LEU G 95 -9.83 21.73 -48.08
N ALA G 96 -11.08 21.45 -48.46
CA ALA G 96 -12.14 22.43 -48.26
C ALA G 96 -12.40 22.66 -46.78
N ALA G 97 -12.36 21.59 -45.98
CA ALA G 97 -12.59 21.75 -44.54
C ALA G 97 -11.49 22.57 -43.90
N PHE G 98 -10.23 22.34 -44.29
CA PHE G 98 -9.13 23.09 -43.70
C PHE G 98 -9.25 24.58 -44.02
N ALA G 99 -9.62 24.91 -45.26
CA ALA G 99 -9.78 26.31 -45.63
C ALA G 99 -10.88 26.97 -44.80
N LEU G 100 -11.98 26.25 -44.58
CA LEU G 100 -13.03 26.79 -43.71
C LEU G 100 -12.59 26.80 -42.26
N ALA G 101 -11.83 25.79 -41.83
CA ALA G 101 -11.32 25.76 -40.47
C ALA G 101 -10.33 26.89 -40.22
N PHE G 102 -9.44 27.15 -41.19
CA PHE G 102 -8.50 28.25 -41.03
C PHE G 102 -9.22 29.59 -41.01
N LEU G 103 -10.25 29.74 -41.84
CA LEU G 103 -11.07 30.94 -41.78
C LEU G 103 -11.81 31.06 -40.45
N GLY G 104 -12.19 29.93 -39.86
CA GLY G 104 -12.87 29.96 -38.58
C GLY G 104 -11.99 30.48 -37.46
N LYS G 105 -10.70 30.15 -37.49
CA LYS G 105 -9.80 30.61 -36.43
C LYS G 105 -9.70 32.13 -36.43
N TRP G 106 -9.55 32.74 -37.60
CA TRP G 106 -9.44 34.19 -37.68
C TRP G 106 -10.73 34.87 -37.26
N PHE G 107 -11.88 34.20 -37.44
CA PHE G 107 -13.13 34.73 -36.90
C PHE G 107 -13.07 34.81 -35.39
N GLY G 108 -12.30 33.94 -34.75
CA GLY G 108 -12.12 34.04 -33.31
C GLY G 108 -11.34 35.27 -32.90
N TYR G 109 -10.28 35.61 -33.65
CA TYR G 109 -9.49 36.78 -33.31
C TYR G 109 -10.30 38.06 -33.42
N PHE G 110 -11.09 38.19 -34.50
CA PHE G 110 -11.92 39.38 -34.64
C PHE G 110 -13.00 39.43 -33.57
N LEU G 111 -13.56 38.27 -33.21
CA LEU G 111 -14.54 38.24 -32.13
C LEU G 111 -13.90 38.66 -30.81
N VAL G 112 -12.70 38.16 -30.51
CA VAL G 112 -12.04 38.53 -29.27
C VAL G 112 -11.64 40.00 -29.30
N ALA G 113 -11.10 40.47 -30.42
CA ALA G 113 -10.67 41.86 -30.51
C ALA G 113 -11.84 42.82 -30.35
N TYR G 114 -12.96 42.54 -31.01
CA TYR G 114 -14.12 43.40 -30.89
C TYR G 114 -14.73 43.32 -29.49
N TRP G 115 -14.81 42.12 -28.93
CA TRP G 115 -15.38 41.98 -27.58
C TRP G 115 -14.49 42.64 -26.53
N LEU G 116 -13.17 42.51 -26.68
CA LEU G 116 -12.25 43.20 -25.78
C LEU G 116 -12.21 44.70 -26.03
N ARG G 117 -12.79 45.17 -27.13
CA ARG G 117 -12.79 46.59 -27.49
C ARG G 117 -11.36 47.14 -27.53
N LEU G 118 -10.57 46.56 -28.43
CA LEU G 118 -9.18 46.92 -28.64
C LEU G 118 -8.96 47.35 -30.09
N ASP G 119 -7.73 47.72 -30.39
CA ASP G 119 -7.38 48.22 -31.72
C ASP G 119 -6.84 47.08 -32.57
N LEU G 120 -7.40 46.93 -33.77
CA LEU G 120 -6.96 45.89 -34.68
C LEU G 120 -5.61 46.27 -35.28
N PRO G 121 -4.56 45.47 -35.09
CA PRO G 121 -3.27 45.79 -35.71
C PRO G 121 -3.33 45.66 -37.23
N ALA G 122 -2.42 46.36 -37.89
CA ALA G 122 -2.34 46.32 -39.34
C ALA G 122 -2.06 44.90 -39.82
N LEU G 123 -2.84 44.44 -40.79
CA LEU G 123 -2.77 43.08 -41.30
C LEU G 123 -2.76 43.11 -42.82
N PHE G 124 -1.58 43.00 -43.42
CA PHE G 124 -1.48 42.86 -44.86
C PHE G 124 -1.99 41.49 -45.27
N PRO G 125 -2.52 41.35 -46.48
CA PRO G 125 -3.08 40.05 -46.91
C PRO G 125 -2.05 38.93 -46.95
N TRP G 126 -0.76 39.25 -46.97
CA TRP G 126 0.26 38.21 -46.98
C TRP G 126 0.22 37.38 -45.69
N LEU G 127 0.01 38.02 -44.54
CA LEU G 127 0.06 37.31 -43.27
C LEU G 127 -0.99 36.21 -43.15
N PRO G 128 -2.29 36.47 -43.41
CA PRO G 128 -3.26 35.36 -43.28
C PRO G 128 -3.07 34.28 -44.33
N LEU G 129 -2.87 34.69 -45.59
CA LEU G 129 -2.63 33.71 -46.65
C LEU G 129 -1.35 32.94 -46.42
N GLY G 130 -0.31 33.63 -45.93
CA GLY G 130 0.95 32.95 -45.67
C GLY G 130 0.84 31.92 -44.56
N GLU G 131 0.13 32.27 -43.48
CA GLU G 131 -0.03 31.33 -42.37
C GLU G 131 -0.83 30.10 -42.81
N GLY G 132 -1.89 30.30 -43.58
CA GLY G 132 -2.70 29.17 -44.00
C GLY G 132 -1.95 28.24 -44.93
N LEU G 133 -1.25 28.81 -45.92
CA LEU G 133 -0.54 27.98 -46.88
C LEU G 133 0.59 27.19 -46.21
N LEU G 134 1.35 27.84 -45.33
CA LEU G 134 2.39 27.13 -44.61
C LEU G 134 1.81 26.07 -43.69
N SER G 135 0.71 26.39 -43.00
CA SER G 135 0.07 25.40 -42.14
C SER G 135 -0.49 24.24 -42.95
N LEU G 136 -1.06 24.54 -44.12
CA LEU G 136 -1.56 23.47 -44.99
C LEU G 136 -0.44 22.52 -45.39
N ALA G 137 0.79 23.03 -45.54
CA ALA G 137 1.92 22.17 -45.85
C ALA G 137 2.23 21.18 -44.74
N PHE G 138 1.83 21.48 -43.50
CA PHE G 138 2.04 20.56 -42.39
C PHE G 138 0.84 19.68 -42.08
N PHE G 139 -0.37 20.17 -42.33
CA PHE G 139 -1.57 19.38 -42.05
C PHE G 139 -1.81 18.30 -43.09
N TRP G 140 -1.49 18.58 -44.35
CA TRP G 140 -1.76 17.61 -45.41
C TRP G 140 -1.05 16.28 -45.22
N PRO G 141 0.25 16.23 -44.91
CA PRO G 141 0.86 14.93 -44.60
C PRO G 141 0.22 14.21 -43.43
N LEU G 142 -0.27 14.96 -42.45
CA LEU G 142 -0.91 14.36 -41.27
C LEU G 142 -2.43 14.37 -41.41
#